data_7C6O
#
_entry.id   7C6O
#
_cell.length_a   65.564
_cell.length_b   125.473
_cell.length_c   78.551
_cell.angle_alpha   90.000
_cell.angle_beta   103.230
_cell.angle_gamma   90.000
#
_symmetry.space_group_name_H-M   'P 1 21 1'
#
loop_
_entity.id
_entity.type
_entity.pdbx_description
1 polymer 'Cobalamin biosynthesis protein CobN'
2 non-polymer GLYCEROL
3 non-polymer 'SODIUM ION'
4 water water
#
_entity_poly.entity_id   1
_entity_poly.type   'polypeptide(L)'
_entity_poly.pdbx_seq_one_letter_code
;MGSSHHHHHHSSGLVPRGSHMASMTGGQQMGRGSEFMPEPTVLLLSTSDTDLISARSSGKNYRWANPSRLSDLELTDLLA
EASIVVIRILGGYRAWQSGIDTVIAGGVPAVLVSGEQAADAELTDRSTVAAGTALQAHIYLAHGGVDNLRELHAFLCDTV
LMTGFGFTPPVATPTWGVLERPDAGKTGPTIAVLYYRAQHLAGNTGYVEALCRAIEDAGGRPLPLYCASLRTAEPRLLER
LGGADAMVVTVLAAGGVKPAAASAGGDDDSWNVEHLAALDIPILQGLCLTSPRDQWCANDDGLSPLDVASQVAVPEFDGR
IITVPFSFKEIDDDGLISYVADPERCARVAGLAVRHARLRQVAPADKRVALVFSAYPTKHARIGNAVGLDTPASAVALLQ
AMRQRGYRVGDLPGVESNDGDALIHALIECGGHDPDWLTEGQLAGNPIRVSAKEYRDWFATLPAELTDVVTAYWGPPPGE
LFVDRSHDPDGEIVIAALRAGNLVLMVQPPRGFGENPVAIYHDPDLPPSHHYLAAYRWLDTGFSNGFGAHAVVHLGKHGN
LEWLPGKTLGMSASCGPDAALGDLPLIYPFLVNDPGEGTQAKRRAHAVLVDHLIPPMARAETYGDIARLEQLLDEHASVA
ALDPGKLPAIRQQIWTLIRAAKMDHDLGLTERPEEDSFDDMLLHVDGWLCEIKDVQIRDGLHILGQNPTGEQELDLVLAI
LRARQLFGGAHAIPGLRQALGLAEDGTDERATVDQTEAKARELVAALQATGWDPSAADRLTGNADAAAVLRFAATEVIPR
LAGTATEIEQVLRALDGRFIPAGPSGSPLRGLVNVLPTGRNFYSVDPKAVPSRLAWEAGVALADSLLARYRDEHGRWPRS
VGLSVWGTSAMRTAGDDIAEVLALLGVRPVWDDASRRVIDLAPMQPAELGRPRIDVTVRISGFFRDAFPHVVTMLDDAVR
LVADLDEAAEDNYVRAHAQADLAHHGDQRRATTRIFGSKPGTYGAGLLQLIDSRSWRDDADLAQVYTAWGGFAYGRDLDG
REAIDDMNRQYRRIAVAAKNTDTREHDIADSDDYFQYHGGMVATVRALTGQAPAAYIGDNTRPDAIRTRTLSEETTRVFR
ARVVNPRWMAAMRRHGYKGAFEMAATVDYLFGYDATAGVMADWMYEQLTQRYVLDAQNRTFMTESNPWALHGMAERLLEA
AGRGLWAQPAPETLDGLRQVLLETEGDLEA
;
_entity_poly.pdbx_strand_id   A
#
# COMPACT_ATOMS: atom_id res chain seq x y z
N PRO A 38 8.87 18.21 -52.37
CA PRO A 38 9.23 19.27 -51.43
C PRO A 38 10.58 19.92 -51.73
N GLU A 39 10.63 20.78 -52.74
CA GLU A 39 11.89 21.46 -52.99
C GLU A 39 11.95 22.75 -52.18
N PRO A 40 10.98 23.67 -52.28
CA PRO A 40 11.08 24.92 -51.50
C PRO A 40 11.02 24.63 -50.01
N THR A 41 11.74 25.44 -49.24
CA THR A 41 11.82 25.28 -47.79
C THR A 41 10.72 26.10 -47.13
N VAL A 42 9.88 25.43 -46.34
CA VAL A 42 8.82 26.09 -45.59
C VAL A 42 9.21 26.06 -44.12
N LEU A 43 9.32 27.24 -43.51
CA LEU A 43 9.60 27.35 -42.09
C LEU A 43 8.29 27.38 -41.31
N LEU A 44 8.12 26.43 -40.41
CA LEU A 44 6.95 26.34 -39.55
C LEU A 44 7.32 26.74 -38.13
N LEU A 45 6.73 27.84 -37.65
CA LEU A 45 6.94 28.33 -36.29
C LEU A 45 5.61 28.17 -35.56
N SER A 46 5.52 27.17 -34.69
CA SER A 46 4.29 26.89 -33.96
C SER A 46 4.61 26.63 -32.50
N THR A 47 3.78 27.19 -31.62
CA THR A 47 3.89 26.89 -30.20
C THR A 47 3.32 25.53 -29.84
N SER A 48 2.76 24.81 -30.81
CA SER A 48 2.30 23.44 -30.61
C SER A 48 3.36 22.49 -31.17
N ASP A 49 4.04 21.78 -30.28
CA ASP A 49 5.04 20.82 -30.74
C ASP A 49 4.44 19.71 -31.57
N THR A 50 3.15 19.42 -31.40
CA THR A 50 2.48 18.45 -32.25
C THR A 50 2.55 18.87 -33.72
N ASP A 51 2.35 20.18 -33.99
CA ASP A 51 2.52 20.70 -35.34
C ASP A 51 3.91 20.39 -35.88
N LEU A 52 4.94 20.66 -35.08
CA LEU A 52 6.31 20.50 -35.55
C LEU A 52 6.64 19.04 -35.80
N ILE A 53 6.15 18.14 -34.95
CA ILE A 53 6.38 16.72 -35.14
C ILE A 53 5.64 16.22 -36.36
N SER A 54 4.40 16.68 -36.55
CA SER A 54 3.65 16.34 -37.77
C SER A 54 4.40 16.79 -39.01
N ALA A 55 4.99 17.98 -38.97
CA ALA A 55 5.78 18.46 -40.10
C ALA A 55 7.00 17.57 -40.33
N ARG A 56 7.65 17.15 -39.25
CA ARG A 56 8.78 16.22 -39.38
C ARG A 56 8.32 14.89 -39.96
N SER A 57 7.21 14.35 -39.47
CA SER A 57 6.68 13.09 -39.97
C SER A 57 6.25 13.17 -41.43
N SER A 58 5.92 14.36 -41.93
CA SER A 58 5.36 14.48 -43.28
C SER A 58 6.38 14.15 -44.36
N GLY A 59 7.66 14.33 -44.07
CA GLY A 59 8.69 14.12 -45.07
C GLY A 59 8.86 15.26 -46.04
N LYS A 60 8.04 16.31 -45.95
CA LYS A 60 8.21 17.49 -46.77
C LYS A 60 9.39 18.32 -46.25
N ASN A 61 9.86 19.23 -47.10
CA ASN A 61 11.03 20.05 -46.79
C ASN A 61 10.60 21.18 -45.86
N TYR A 62 10.47 20.84 -44.59
CA TYR A 62 10.11 21.78 -43.54
C TYR A 62 11.32 22.08 -42.66
N ARG A 63 11.40 23.33 -42.20
CA ARG A 63 12.15 23.69 -41.01
CA ARG A 63 12.15 23.68 -41.00
C ARG A 63 11.15 24.02 -39.91
N TRP A 64 11.51 23.74 -38.66
CA TRP A 64 10.56 23.95 -37.58
C TRP A 64 11.26 24.48 -36.34
N ALA A 65 10.49 25.24 -35.55
CA ALA A 65 10.95 25.74 -34.27
C ALA A 65 9.74 26.19 -33.47
N ASN A 66 9.85 26.09 -32.15
CA ASN A 66 8.81 26.59 -31.27
C ASN A 66 9.14 28.01 -30.85
N PRO A 67 8.28 29.00 -31.13
CA PRO A 67 8.60 30.39 -30.79
C PRO A 67 8.85 30.61 -29.30
N SER A 68 8.33 29.75 -28.43
CA SER A 68 8.59 29.91 -27.00
C SER A 68 9.98 29.43 -26.59
N ARG A 69 10.73 28.81 -27.50
CA ARG A 69 12.08 28.35 -27.25
C ARG A 69 13.03 28.87 -28.33
N LEU A 70 12.88 30.13 -28.71
CA LEU A 70 13.55 30.66 -29.89
C LEU A 70 14.17 32.02 -29.56
N SER A 71 15.48 32.13 -29.76
CA SER A 71 16.15 33.42 -29.61
C SER A 71 16.01 34.23 -30.90
N ASP A 72 16.30 35.53 -30.80
CA ASP A 72 16.22 36.39 -31.98
C ASP A 72 17.19 35.94 -33.06
N LEU A 73 18.40 35.53 -32.66
CA LEU A 73 19.38 35.06 -33.63
C LEU A 73 18.92 33.77 -34.31
N GLU A 74 18.36 32.85 -33.53
CA GLU A 74 17.88 31.60 -34.12
C GLU A 74 16.75 31.85 -35.11
N LEU A 75 15.90 32.84 -34.85
CA LEU A 75 14.82 33.15 -35.77
C LEU A 75 15.35 33.65 -37.11
N THR A 76 16.24 34.65 -37.07
CA THR A 76 16.78 35.19 -38.32
C THR A 76 17.60 34.15 -39.07
N ASP A 77 18.32 33.28 -38.36
CA ASP A 77 19.03 32.20 -39.01
C ASP A 77 18.08 31.28 -39.75
N LEU A 78 16.96 30.91 -39.10
CA LEU A 78 15.97 30.07 -39.76
C LEU A 78 15.31 30.79 -40.94
N LEU A 79 15.08 32.09 -40.80
CA LEU A 79 14.41 32.85 -41.87
C LEU A 79 15.26 32.90 -43.12
N ALA A 80 16.58 32.91 -42.98
CA ALA A 80 17.46 32.97 -44.14
C ALA A 80 17.32 31.75 -45.04
N GLU A 81 16.81 30.64 -44.51
CA GLU A 81 16.68 29.41 -45.28
C GLU A 81 15.28 29.19 -45.83
N ALA A 82 14.34 30.11 -45.58
CA ALA A 82 12.94 29.86 -45.84
C ALA A 82 12.47 30.55 -47.11
N SER A 83 11.65 29.84 -47.90
CA SER A 83 10.92 30.43 -49.01
C SER A 83 9.53 30.89 -48.60
N ILE A 84 8.93 30.21 -47.62
CA ILE A 84 7.64 30.57 -47.04
C ILE A 84 7.75 30.34 -45.54
N VAL A 85 7.11 31.21 -44.76
CA VAL A 85 7.07 31.07 -43.31
C VAL A 85 5.62 30.94 -42.86
N VAL A 86 5.38 30.02 -41.94
CA VAL A 86 4.07 29.83 -41.32
C VAL A 86 4.23 29.97 -39.81
N ILE A 87 3.40 30.82 -39.21
CA ILE A 87 3.42 31.05 -37.77
C ILE A 87 2.05 30.68 -37.21
N ARG A 88 2.03 29.82 -36.18
CA ARG A 88 0.80 29.44 -35.51
C ARG A 88 0.99 29.63 -34.01
N ILE A 89 0.23 30.55 -33.42
CA ILE A 89 0.35 30.86 -31.99
C ILE A 89 -1.03 31.10 -31.39
N LEU A 90 -1.11 30.91 -30.07
CA LEU A 90 -2.26 31.36 -29.29
C LEU A 90 -2.05 32.80 -28.86
N GLY A 91 -3.16 33.52 -28.69
CA GLY A 91 -3.12 34.88 -28.19
C GLY A 91 -3.04 35.97 -29.24
N GLY A 92 -3.11 35.61 -30.52
CA GLY A 92 -3.11 36.61 -31.57
C GLY A 92 -1.76 37.28 -31.79
N TYR A 93 -1.83 38.40 -32.51
CA TYR A 93 -0.63 39.10 -32.97
C TYR A 93 0.21 39.60 -31.80
N ARG A 94 -0.44 40.14 -30.76
CA ARG A 94 0.29 40.70 -29.63
C ARG A 94 1.03 39.66 -28.80
N ALA A 95 0.71 38.37 -28.95
CA ALA A 95 1.37 37.34 -28.16
C ALA A 95 2.78 37.02 -28.65
N TRP A 96 3.13 37.41 -29.86
CA TRP A 96 4.49 37.26 -30.36
C TRP A 96 4.77 38.38 -31.36
N GLN A 97 4.51 39.62 -30.95
CA GLN A 97 4.61 40.75 -31.88
C GLN A 97 6.03 40.94 -32.38
N SER A 98 7.03 40.70 -31.53
CA SER A 98 8.41 40.87 -31.95
C SER A 98 8.79 39.89 -33.04
N GLY A 99 8.44 38.61 -32.84
CA GLY A 99 8.76 37.60 -33.85
C GLY A 99 7.98 37.81 -35.13
N ILE A 100 6.70 38.15 -35.02
CA ILE A 100 5.88 38.38 -36.21
C ILE A 100 6.40 39.59 -36.99
N ASP A 101 6.71 40.68 -36.28
CA ASP A 101 7.22 41.86 -36.97
C ASP A 101 8.53 41.57 -37.70
N THR A 102 9.38 40.74 -37.10
CA THR A 102 10.65 40.40 -37.74
C THR A 102 10.42 39.61 -39.02
N VAL A 103 9.51 38.65 -38.99
CA VAL A 103 9.23 37.85 -40.19
C VAL A 103 8.68 38.72 -41.30
N ILE A 104 7.71 39.59 -40.96
CA ILE A 104 7.08 40.44 -41.98
C ILE A 104 8.09 41.41 -42.56
N ALA A 105 8.95 41.98 -41.72
CA ALA A 105 9.95 42.93 -42.20
C ALA A 105 10.98 42.27 -43.12
N GLY A 106 11.16 40.96 -43.02
CA GLY A 106 12.17 40.26 -43.80
C GLY A 106 11.80 39.99 -45.24
N GLY A 107 10.53 40.18 -45.62
CA GLY A 107 10.12 40.03 -47.00
C GLY A 107 9.72 38.63 -47.43
N VAL A 108 10.02 37.61 -46.62
CA VAL A 108 9.59 36.26 -46.99
C VAL A 108 8.07 36.16 -46.83
N PRO A 109 7.35 35.61 -47.81
CA PRO A 109 5.90 35.45 -47.66
C PRO A 109 5.55 34.75 -46.36
N ALA A 110 4.67 35.36 -45.59
CA ALA A 110 4.37 34.93 -44.23
C ALA A 110 2.90 34.58 -44.10
N VAL A 111 2.63 33.39 -43.57
CA VAL A 111 1.28 32.89 -43.31
C VAL A 111 1.09 32.88 -41.80
N LEU A 112 0.15 33.69 -41.30
CA LEU A 112 -0.10 33.83 -39.87
C LEU A 112 -1.45 33.23 -39.54
N VAL A 113 -1.46 32.23 -38.66
CA VAL A 113 -2.71 31.57 -38.27
C VAL A 113 -2.73 31.43 -36.75
N SER A 114 -3.94 31.25 -36.23
CA SER A 114 -4.16 31.16 -34.79
CA SER A 114 -4.17 31.16 -34.79
C SER A 114 -4.22 29.71 -34.34
N GLY A 115 -3.81 29.48 -33.10
CA GLY A 115 -3.95 28.18 -32.49
C GLY A 115 -5.35 27.90 -31.97
N GLU A 116 -6.17 28.95 -31.87
CA GLU A 116 -7.57 28.79 -31.53
C GLU A 116 -8.32 28.15 -32.70
N GLN A 117 -9.50 27.61 -32.40
CA GLN A 117 -10.31 26.96 -33.43
C GLN A 117 -10.80 27.95 -34.47
N ALA A 118 -11.32 29.09 -34.03
CA ALA A 118 -11.74 30.14 -34.95
C ALA A 118 -10.53 30.95 -35.41
N ALA A 119 -10.45 31.19 -36.71
CA ALA A 119 -9.32 31.93 -37.25
C ALA A 119 -9.31 33.36 -36.73
N ASP A 120 -8.11 33.93 -36.64
CA ASP A 120 -7.92 35.29 -36.15
C ASP A 120 -7.89 36.23 -37.35
N ALA A 121 -8.88 37.13 -37.43
CA ALA A 121 -8.99 38.00 -38.59
C ALA A 121 -7.78 38.93 -38.72
N GLU A 122 -7.19 39.34 -37.60
CA GLU A 122 -6.01 40.21 -37.68
C GLU A 122 -4.80 39.46 -38.21
N LEU A 123 -4.60 38.22 -37.76
CA LEU A 123 -3.52 37.41 -38.32
C LEU A 123 -3.72 37.16 -39.80
N THR A 124 -4.95 36.87 -40.21
CA THR A 124 -5.23 36.71 -41.63
C THR A 124 -4.85 37.95 -42.42
N ASP A 125 -5.24 39.13 -41.93
CA ASP A 125 -4.98 40.37 -42.65
C ASP A 125 -3.50 40.76 -42.61
N ARG A 126 -2.81 40.48 -41.51
CA ARG A 126 -1.39 40.83 -41.42
C ARG A 126 -0.49 39.90 -42.22
N SER A 127 -0.98 38.71 -42.57
CA SER A 127 -0.21 37.81 -43.42
C SER A 127 0.14 38.51 -44.73
N THR A 128 1.34 38.22 -45.25
CA THR A 128 1.77 38.79 -46.52
C THR A 128 1.44 37.89 -47.71
N VAL A 129 0.51 36.94 -47.53
CA VAL A 129 -0.09 36.20 -48.62
C VAL A 129 -1.53 36.66 -48.73
N ALA A 130 -2.27 36.13 -49.73
CA ALA A 130 -3.68 36.43 -49.82
C ALA A 130 -4.42 35.89 -48.61
N ALA A 131 -5.54 36.55 -48.25
CA ALA A 131 -6.30 36.14 -47.08
C ALA A 131 -6.75 34.69 -47.19
N GLY A 132 -7.22 34.29 -48.37
CA GLY A 132 -7.67 32.92 -48.55
C GLY A 132 -6.57 31.90 -48.36
N THR A 133 -5.32 32.27 -48.65
CA THR A 133 -4.21 31.38 -48.41
C THR A 133 -4.02 31.13 -46.91
N ALA A 134 -4.06 32.21 -46.12
CA ALA A 134 -3.93 32.08 -44.67
C ALA A 134 -5.11 31.30 -44.08
N LEU A 135 -6.32 31.55 -44.58
CA LEU A 135 -7.50 30.88 -44.04
C LEU A 135 -7.46 29.37 -44.32
N GLN A 136 -7.03 28.98 -45.52
CA GLN A 136 -6.92 27.56 -45.81
C GLN A 136 -5.80 26.91 -45.01
N ALA A 137 -4.67 27.59 -44.86
CA ALA A 137 -3.60 27.08 -44.00
C ALA A 137 -4.11 26.89 -42.57
N HIS A 138 -4.93 27.82 -42.08
CA HIS A 138 -5.50 27.68 -40.75
C HIS A 138 -6.24 26.35 -40.61
N ILE A 139 -6.99 25.97 -41.65
CA ILE A 139 -7.77 24.73 -41.59
C ILE A 139 -6.85 23.52 -41.62
N TYR A 140 -5.84 23.53 -42.49
CA TYR A 140 -4.87 22.43 -42.53
C TYR A 140 -4.29 22.16 -41.15
N LEU A 141 -3.90 23.23 -40.44
CA LEU A 141 -3.25 23.08 -39.15
C LEU A 141 -4.24 22.81 -38.03
N ALA A 142 -5.46 23.35 -38.12
CA ALA A 142 -6.47 23.09 -37.11
C ALA A 142 -6.84 21.61 -37.08
N HIS A 143 -7.05 21.01 -38.26
CA HIS A 143 -7.28 19.57 -38.32
C HIS A 143 -6.02 18.81 -37.96
N GLY A 144 -4.87 19.24 -38.48
CA GLY A 144 -3.61 18.64 -38.13
C GLY A 144 -3.44 17.24 -38.72
N GLY A 145 -2.44 16.55 -38.19
CA GLY A 145 -2.09 15.23 -38.66
C GLY A 145 -1.03 15.26 -39.74
N VAL A 146 -0.39 14.10 -39.93
CA VAL A 146 0.73 14.01 -40.87
C VAL A 146 0.27 14.32 -42.29
N ASP A 147 -0.91 13.82 -42.68
CA ASP A 147 -1.40 14.03 -44.04
C ASP A 147 -1.62 15.52 -44.31
N ASN A 148 -2.25 16.24 -43.38
CA ASN A 148 -2.51 17.65 -43.60
C ASN A 148 -1.23 18.47 -43.64
N LEU A 149 -0.24 18.12 -42.82
CA LEU A 149 1.03 18.84 -42.86
C LEU A 149 1.76 18.60 -44.18
N ARG A 150 1.63 17.40 -44.75
CA ARG A 150 2.24 17.12 -46.04
C ARG A 150 1.57 17.91 -47.15
N GLU A 151 0.23 17.91 -47.18
CA GLU A 151 -0.48 18.65 -48.21
C GLU A 151 -0.36 20.16 -48.01
N LEU A 152 -0.25 20.62 -46.76
CA LEU A 152 -0.06 22.04 -46.51
C LEU A 152 1.18 22.56 -47.21
N HIS A 153 2.28 21.81 -47.13
CA HIS A 153 3.51 22.24 -47.79
C HIS A 153 3.30 22.42 -49.28
N ALA A 154 2.63 21.45 -49.92
CA ALA A 154 2.40 21.55 -51.35
C ALA A 154 1.39 22.65 -51.67
N PHE A 155 0.35 22.79 -50.86
CA PHE A 155 -0.62 23.87 -51.06
C PHE A 155 0.06 25.22 -51.03
N LEU A 156 0.93 25.45 -50.05
CA LEU A 156 1.58 26.75 -49.94
C LEU A 156 2.55 26.99 -51.09
N CYS A 157 3.33 25.97 -51.46
CA CYS A 157 4.26 26.12 -52.58
C CYS A 157 3.53 26.46 -53.87
N ASP A 158 2.49 25.67 -54.20
CA ASP A 158 1.77 25.89 -55.45
C ASP A 158 1.03 27.23 -55.44
N THR A 159 0.49 27.62 -54.28
CA THR A 159 -0.29 28.84 -54.21
C THR A 159 0.61 30.07 -54.22
N VAL A 160 1.67 30.06 -53.41
CA VAL A 160 2.52 31.24 -53.23
C VAL A 160 3.60 31.32 -54.30
N LEU A 161 4.30 30.21 -54.55
CA LEU A 161 5.42 30.20 -55.48
C LEU A 161 5.04 29.73 -56.88
N MET A 162 3.79 29.29 -57.08
CA MET A 162 3.30 28.81 -58.37
C MET A 162 4.08 27.61 -58.88
N THR A 163 4.54 26.77 -57.97
CA THR A 163 5.04 25.45 -58.31
C THR A 163 3.88 24.55 -58.73
N GLY A 164 4.20 23.30 -59.07
CA GLY A 164 3.18 22.39 -59.57
C GLY A 164 3.19 21.04 -58.90
N PHE A 165 3.34 21.02 -57.57
CA PHE A 165 3.32 19.74 -56.86
C PHE A 165 1.94 19.09 -56.88
N GLY A 166 0.88 19.91 -56.87
CA GLY A 166 -0.45 19.37 -56.67
C GLY A 166 -0.71 19.12 -55.21
N PHE A 167 -1.97 19.24 -54.78
CA PHE A 167 -2.29 19.09 -53.37
C PHE A 167 -3.74 18.65 -53.21
N THR A 168 -4.00 17.99 -52.09
CA THR A 168 -5.27 17.54 -51.54
C THR A 168 -5.80 18.56 -50.55
N PRO A 169 -7.10 18.84 -50.57
CA PRO A 169 -7.69 19.74 -49.58
C PRO A 169 -7.50 19.21 -48.17
N PRO A 170 -7.68 20.05 -47.15
CA PRO A 170 -7.56 19.57 -45.77
C PRO A 170 -8.57 18.45 -45.49
N VAL A 171 -8.12 17.46 -44.74
CA VAL A 171 -8.95 16.32 -44.35
C VAL A 171 -9.19 16.36 -42.85
N ALA A 172 -10.44 16.14 -42.46
CA ALA A 172 -10.77 16.07 -41.04
C ALA A 172 -10.18 14.80 -40.43
N THR A 173 -9.75 14.91 -39.18
CA THR A 173 -9.25 13.77 -38.44
C THR A 173 -10.24 13.36 -37.38
N PRO A 174 -10.63 12.09 -37.32
CA PRO A 174 -11.67 11.68 -36.36
C PRO A 174 -11.20 11.84 -34.92
N THR A 175 -12.18 11.91 -34.01
CA THR A 175 -11.86 11.96 -32.60
C THR A 175 -11.26 10.65 -32.10
N TRP A 176 -11.51 9.55 -32.81
CA TRP A 176 -10.93 8.26 -32.49
C TRP A 176 -10.81 7.47 -33.79
N GLY A 177 -9.92 6.49 -33.79
CA GLY A 177 -9.76 5.67 -34.98
C GLY A 177 -8.77 4.55 -34.74
N VAL A 178 -8.52 3.80 -35.82
CA VAL A 178 -7.66 2.64 -35.80
C VAL A 178 -6.32 2.99 -36.43
N LEU A 179 -5.24 2.45 -35.86
CA LEU A 179 -3.94 2.48 -36.52
C LEU A 179 -3.90 1.33 -37.51
N GLU A 180 -3.94 1.65 -38.80
CA GLU A 180 -4.04 0.61 -39.82
C GLU A 180 -2.72 -0.16 -39.94
N ARG A 181 -2.81 -1.48 -39.83
CA ARG A 181 -1.66 -2.37 -39.92
C ARG A 181 -2.08 -3.60 -40.70
N PRO A 182 -1.13 -4.29 -41.34
CA PRO A 182 -1.48 -5.55 -42.01
C PRO A 182 -1.93 -6.60 -41.00
N ASP A 183 -2.86 -7.44 -41.44
CA ASP A 183 -3.34 -8.54 -40.62
C ASP A 183 -2.34 -9.69 -40.69
N ALA A 184 -1.68 -9.98 -39.58
CA ALA A 184 -0.72 -11.08 -39.53
C ALA A 184 -1.39 -12.45 -39.49
N GLY A 185 -2.71 -12.50 -39.33
CA GLY A 185 -3.41 -13.77 -39.34
C GLY A 185 -3.33 -14.57 -38.06
N LYS A 186 -3.07 -13.93 -36.93
CA LYS A 186 -3.03 -14.65 -35.66
C LYS A 186 -4.45 -15.02 -35.22
N THR A 187 -4.53 -16.09 -34.41
CA THR A 187 -5.82 -16.63 -34.00
C THR A 187 -6.07 -16.51 -32.50
N GLY A 188 -5.20 -15.83 -31.76
CA GLY A 188 -5.38 -15.68 -30.33
C GLY A 188 -6.37 -14.60 -29.98
N PRO A 189 -6.36 -14.17 -28.72
CA PRO A 189 -7.31 -13.15 -28.29
C PRO A 189 -6.98 -11.78 -28.89
N THR A 190 -8.02 -10.96 -29.01
CA THR A 190 -7.88 -9.61 -29.54
C THR A 190 -7.52 -8.66 -28.40
N ILE A 191 -6.37 -8.01 -28.52
CA ILE A 191 -5.84 -7.13 -27.50
C ILE A 191 -5.88 -5.70 -28.03
N ALA A 192 -6.78 -4.88 -27.46
CA ALA A 192 -6.82 -3.48 -27.84
C ALA A 192 -5.66 -2.73 -27.21
N VAL A 193 -5.12 -1.77 -27.96
CA VAL A 193 -4.08 -0.87 -27.46
C VAL A 193 -4.59 0.56 -27.60
N LEU A 194 -4.84 1.22 -26.47
CA LEU A 194 -5.42 2.56 -26.44
C LEU A 194 -4.33 3.59 -26.22
N TYR A 195 -4.19 4.53 -27.16
CA TYR A 195 -3.19 5.59 -27.04
C TYR A 195 -3.82 6.91 -27.43
N TYR A 196 -3.07 7.99 -27.18
CA TYR A 196 -3.61 9.33 -27.32
C TYR A 196 -3.66 9.78 -28.78
N ARG A 197 -4.74 10.49 -29.12
CA ARG A 197 -4.92 11.03 -30.46
C ARG A 197 -3.80 11.98 -30.85
N ALA A 198 -3.28 12.75 -29.87
CA ALA A 198 -2.20 13.69 -30.16
C ALA A 198 -0.97 12.97 -30.71
N GLN A 199 -0.68 11.77 -30.22
CA GLN A 199 0.45 11.01 -30.75
C GLN A 199 0.17 10.50 -32.15
N HIS A 200 -1.08 10.10 -32.41
CA HIS A 200 -1.43 9.65 -33.76
C HIS A 200 -1.27 10.78 -34.76
N LEU A 201 -1.75 11.98 -34.42
CA LEU A 201 -1.64 13.11 -35.33
C LEU A 201 -0.19 13.49 -35.58
N ALA A 202 0.65 13.43 -34.55
CA ALA A 202 2.05 13.75 -34.70
C ALA A 202 2.80 12.72 -35.55
N GLY A 203 2.27 11.51 -35.67
CA GLY A 203 3.00 10.44 -36.31
C GLY A 203 3.93 9.68 -35.40
N ASN A 204 3.92 9.98 -34.10
CA ASN A 204 4.75 9.27 -33.13
CA ASN A 204 4.76 9.27 -33.12
C ASN A 204 4.01 8.03 -32.63
N THR A 205 3.88 7.06 -33.52
CA THR A 205 3.18 5.82 -33.20
C THR A 205 4.11 4.62 -33.14
N GLY A 206 5.43 4.84 -33.19
CA GLY A 206 6.37 3.73 -33.15
C GLY A 206 6.25 2.91 -31.88
N TYR A 207 5.98 3.56 -30.74
CA TYR A 207 5.83 2.81 -29.50
C TYR A 207 4.60 1.92 -29.54
N VAL A 208 3.55 2.35 -30.26
CA VAL A 208 2.35 1.52 -30.40
C VAL A 208 2.62 0.35 -31.33
N GLU A 209 3.34 0.60 -32.44
CA GLU A 209 3.68 -0.46 -33.36
C GLU A 209 4.48 -1.57 -32.67
N ALA A 210 5.42 -1.18 -31.81
CA ALA A 210 6.24 -2.18 -31.13
C ALA A 210 5.40 -3.05 -30.21
N LEU A 211 4.44 -2.46 -29.49
CA LEU A 211 3.57 -3.24 -28.64
C LEU A 211 2.67 -4.15 -29.46
N CYS A 212 2.19 -3.66 -30.62
CA CYS A 212 1.39 -4.50 -31.50
C CYS A 212 2.19 -5.70 -31.99
N ARG A 213 3.45 -5.50 -32.35
CA ARG A 213 4.28 -6.62 -32.79
C ARG A 213 4.51 -7.61 -31.66
N ALA A 214 4.68 -7.13 -30.43
CA ALA A 214 4.83 -8.02 -29.30
C ALA A 214 3.56 -8.83 -29.06
N ILE A 215 2.40 -8.21 -29.26
CA ILE A 215 1.13 -8.92 -29.14
C ILE A 215 1.04 -10.03 -30.18
N GLU A 216 1.44 -9.74 -31.41
CA GLU A 216 1.47 -10.76 -32.45
C GLU A 216 2.46 -11.87 -32.10
N ASP A 217 3.62 -11.52 -31.55
CA ASP A 217 4.59 -12.53 -31.12
C ASP A 217 3.99 -13.46 -30.06
N ALA A 218 3.13 -12.92 -29.20
CA ALA A 218 2.44 -13.72 -28.19
C ALA A 218 1.22 -14.45 -28.75
N GLY A 219 0.97 -14.35 -30.05
CA GLY A 219 -0.14 -15.05 -30.68
C GLY A 219 -1.45 -14.30 -30.68
N GLY A 220 -1.47 -13.05 -30.21
CA GLY A 220 -2.70 -12.29 -30.15
C GLY A 220 -2.95 -11.45 -31.38
N ARG A 221 -4.13 -10.84 -31.43
CA ARG A 221 -4.53 -9.96 -32.51
C ARG A 221 -4.59 -8.53 -32.01
N PRO A 222 -3.63 -7.68 -32.37
CA PRO A 222 -3.62 -6.31 -31.82
C PRO A 222 -4.66 -5.42 -32.48
N LEU A 223 -5.30 -4.60 -31.66
CA LEU A 223 -6.30 -3.64 -32.11
C LEU A 223 -5.90 -2.26 -31.58
N PRO A 224 -4.97 -1.58 -32.27
CA PRO A 224 -4.53 -0.26 -31.80
C PRO A 224 -5.57 0.81 -32.12
N LEU A 225 -5.98 1.54 -31.09
CA LEU A 225 -7.00 2.58 -31.21
C LEU A 225 -6.50 3.84 -30.53
N TYR A 226 -6.61 4.97 -31.23
CA TYR A 226 -6.29 6.27 -30.64
C TYR A 226 -7.58 6.99 -30.26
N CYS A 227 -7.49 7.85 -29.26
CA CYS A 227 -8.64 8.61 -28.80
C CYS A 227 -8.16 9.77 -27.96
N ALA A 228 -9.05 10.75 -27.78
CA ALA A 228 -8.69 11.90 -26.95
C ALA A 228 -8.80 11.58 -25.46
N SER A 229 -9.75 10.73 -25.07
CA SER A 229 -9.94 10.39 -23.66
C SER A 229 -10.81 9.15 -23.57
N LEU A 230 -10.50 8.30 -22.59
CA LEU A 230 -11.40 7.22 -22.23
C LEU A 230 -12.49 7.65 -21.26
N ARG A 231 -12.32 8.80 -20.60
CA ARG A 231 -13.37 9.31 -19.73
C ARG A 231 -14.59 9.74 -20.54
N THR A 232 -14.37 10.47 -21.62
CA THR A 232 -15.45 10.89 -22.52
C THR A 232 -15.48 10.05 -23.79
N ALA A 233 -15.27 8.73 -23.65
CA ALA A 233 -15.16 7.86 -24.81
C ALA A 233 -16.41 7.92 -25.66
N GLU A 234 -16.22 8.00 -26.97
CA GLU A 234 -17.33 8.08 -27.89
CA GLU A 234 -17.32 8.08 -27.90
C GLU A 234 -18.08 6.76 -27.93
N PRO A 235 -19.39 6.78 -28.21
CA PRO A 235 -20.15 5.52 -28.25
C PRO A 235 -19.62 4.52 -29.26
N ARG A 236 -19.28 4.97 -30.48
CA ARG A 236 -18.76 4.05 -31.48
C ARG A 236 -17.40 3.48 -31.08
N LEU A 237 -16.62 4.25 -30.30
CA LEU A 237 -15.38 3.71 -29.77
C LEU A 237 -15.64 2.59 -28.78
N LEU A 238 -16.61 2.78 -27.88
CA LEU A 238 -16.96 1.72 -26.95
C LEU A 238 -17.50 0.50 -27.69
N GLU A 239 -18.24 0.72 -28.77
CA GLU A 239 -18.71 -0.40 -29.59
C GLU A 239 -17.52 -1.17 -30.16
N ARG A 240 -16.53 -0.46 -30.69
CA ARG A 240 -15.36 -1.11 -31.27
C ARG A 240 -14.62 -1.92 -30.22
N LEU A 241 -14.54 -1.42 -28.99
CA LEU A 241 -13.89 -2.12 -27.89
C LEU A 241 -14.66 -3.37 -27.47
N GLY A 242 -15.92 -3.52 -27.88
CA GLY A 242 -16.64 -4.75 -27.60
C GLY A 242 -16.04 -5.97 -28.28
N GLY A 243 -15.24 -5.77 -29.32
CA GLY A 243 -14.55 -6.86 -29.97
C GLY A 243 -13.24 -7.26 -29.35
N ALA A 244 -12.81 -6.57 -28.29
CA ALA A 244 -11.54 -6.87 -27.64
C ALA A 244 -11.74 -7.85 -26.49
N ASP A 245 -10.74 -8.70 -26.30
CA ASP A 245 -10.72 -9.61 -25.15
C ASP A 245 -9.95 -9.03 -23.97
N ALA A 246 -9.13 -8.01 -24.21
CA ALA A 246 -8.43 -7.28 -23.15
C ALA A 246 -7.94 -5.98 -23.74
N MET A 247 -7.67 -5.02 -22.86
CA MET A 247 -7.22 -3.69 -23.25
C MET A 247 -5.92 -3.35 -22.54
N VAL A 248 -4.92 -2.92 -23.31
CA VAL A 248 -3.75 -2.24 -22.77
C VAL A 248 -3.94 -0.75 -23.02
N VAL A 249 -3.96 0.04 -21.95
CA VAL A 249 -4.22 1.47 -22.05
C VAL A 249 -2.95 2.23 -21.71
N THR A 250 -2.72 3.32 -22.44
CA THR A 250 -1.61 4.23 -22.17
C THR A 250 -2.10 5.64 -21.89
N VAL A 251 -3.38 5.78 -21.56
CA VAL A 251 -3.99 7.08 -21.30
C VAL A 251 -4.30 7.20 -19.81
N LEU A 252 -4.66 8.40 -19.39
CA LEU A 252 -4.96 8.68 -17.99
C LEU A 252 -6.24 7.98 -17.57
N ALA A 253 -6.49 7.98 -16.26
CA ALA A 253 -7.67 7.32 -15.70
C ALA A 253 -8.96 7.97 -16.21
N ALA A 254 -10.01 7.17 -16.28
CA ALA A 254 -11.25 7.59 -16.91
C ALA A 254 -12.39 7.88 -15.93
N GLY A 255 -12.26 7.53 -14.66
CA GLY A 255 -13.38 7.62 -13.74
C GLY A 255 -13.73 9.04 -13.35
N GLY A 256 -12.77 9.95 -13.41
CA GLY A 256 -13.03 11.33 -12.99
C GLY A 256 -11.78 12.16 -13.07
N VAL A 257 -11.85 13.36 -12.51
CA VAL A 257 -10.75 14.31 -12.53
C VAL A 257 -10.33 14.77 -11.14
N LYS A 258 -11.02 14.34 -10.09
CA LYS A 258 -10.69 14.72 -8.71
C LYS A 258 -10.61 13.46 -7.85
N PRO A 259 -9.54 12.66 -8.00
CA PRO A 259 -9.46 11.41 -7.25
C PRO A 259 -9.43 11.61 -5.74
N ALA A 260 -8.93 12.75 -5.26
CA ALA A 260 -8.91 13.02 -3.82
C ALA A 260 -10.30 13.01 -3.21
N ALA A 261 -11.35 13.23 -3.99
CA ALA A 261 -12.70 13.25 -3.47
C ALA A 261 -13.40 11.89 -3.59
N ALA A 262 -12.69 10.86 -4.05
CA ALA A 262 -13.31 9.56 -4.33
C ALA A 262 -12.71 8.41 -3.52
N SER A 263 -11.86 8.70 -2.54
CA SER A 263 -11.22 7.64 -1.77
C SER A 263 -12.10 7.32 -0.55
N ALA A 264 -11.55 6.56 0.39
CA ALA A 264 -12.33 6.12 1.55
C ALA A 264 -12.97 7.30 2.27
N GLY A 265 -14.26 7.16 2.55
CA GLY A 265 -15.03 8.23 3.16
C GLY A 265 -15.55 9.28 2.22
N GLY A 266 -15.07 9.31 0.97
CA GLY A 266 -15.45 10.32 0.01
C GLY A 266 -16.61 9.89 -0.86
N ASP A 267 -16.74 10.59 -2.00
CA ASP A 267 -17.81 10.33 -2.96
C ASP A 267 -17.26 9.41 -4.05
N ASP A 268 -17.17 8.13 -3.71
CA ASP A 268 -16.64 7.15 -4.65
C ASP A 268 -17.62 6.86 -5.78
N ASP A 269 -18.92 7.07 -5.56
CA ASP A 269 -19.88 6.93 -6.65
C ASP A 269 -19.56 7.89 -7.80
N SER A 270 -19.01 9.06 -7.48
CA SER A 270 -18.69 10.04 -8.50
C SER A 270 -17.55 9.60 -9.40
N TRP A 271 -16.75 8.61 -8.99
CA TRP A 271 -15.72 8.04 -9.84
C TRP A 271 -16.38 6.92 -10.63
N ASN A 272 -16.68 7.17 -11.90
CA ASN A 272 -17.57 6.35 -12.69
C ASN A 272 -16.82 5.78 -13.89
N VAL A 273 -16.71 4.45 -13.93
CA VAL A 273 -16.10 3.76 -15.07
C VAL A 273 -17.09 2.73 -15.61
N GLU A 274 -18.39 2.97 -15.39
CA GLU A 274 -19.39 1.98 -15.78
C GLU A 274 -19.33 1.67 -17.26
N HIS A 275 -19.06 2.68 -18.09
CA HIS A 275 -18.98 2.46 -19.54
C HIS A 275 -17.82 1.57 -19.93
N LEU A 276 -16.76 1.51 -19.12
CA LEU A 276 -15.65 0.62 -19.40
C LEU A 276 -15.80 -0.73 -18.69
N ALA A 277 -16.32 -0.72 -17.46
CA ALA A 277 -16.59 -1.98 -16.77
C ALA A 277 -17.60 -2.83 -17.51
N ALA A 278 -18.52 -2.20 -18.25
CA ALA A 278 -19.52 -2.95 -18.99
C ALA A 278 -18.90 -3.86 -20.04
N LEU A 279 -17.72 -3.49 -20.56
CA LEU A 279 -17.01 -4.36 -21.48
C LEU A 279 -16.63 -5.68 -20.82
N ASP A 280 -16.40 -5.66 -19.52
CA ASP A 280 -16.08 -6.86 -18.72
C ASP A 280 -14.85 -7.58 -19.27
N ILE A 281 -13.78 -6.81 -19.47
CA ILE A 281 -12.51 -7.38 -19.91
C ILE A 281 -11.40 -6.80 -19.04
N PRO A 282 -10.26 -7.48 -18.95
CA PRO A 282 -9.13 -6.92 -18.20
C PRO A 282 -8.60 -5.67 -18.88
N ILE A 283 -8.32 -4.65 -18.09
CA ILE A 283 -7.80 -3.38 -18.56
C ILE A 283 -6.46 -3.16 -17.87
N LEU A 284 -5.39 -3.20 -18.65
CA LEU A 284 -4.04 -3.18 -18.12
C LEU A 284 -3.35 -1.86 -18.48
N GLN A 285 -2.74 -1.22 -17.50
CA GLN A 285 -1.99 0.01 -17.75
C GLN A 285 -0.58 -0.35 -18.21
N GLY A 286 -0.30 -0.10 -19.49
CA GLY A 286 1.04 -0.20 -20.00
C GLY A 286 1.75 1.12 -19.79
N LEU A 287 2.81 1.13 -18.99
CA LEU A 287 3.41 2.38 -18.57
C LEU A 287 4.27 2.97 -19.69
N CYS A 288 4.10 4.26 -19.94
CA CYS A 288 4.89 5.01 -20.91
C CYS A 288 5.52 6.17 -20.14
N LEU A 289 6.76 6.00 -19.70
CA LEU A 289 7.36 6.94 -18.78
C LEU A 289 7.65 8.27 -19.47
N THR A 290 7.39 9.36 -18.76
CA THR A 290 7.76 10.70 -19.21
C THR A 290 9.20 11.04 -18.85
N SER A 291 10.02 10.02 -18.60
CA SER A 291 11.43 10.15 -18.29
C SER A 291 12.22 9.20 -19.19
N PRO A 292 13.49 9.50 -19.43
CA PRO A 292 14.26 8.69 -20.40
C PRO A 292 14.61 7.32 -19.86
N ARG A 293 14.84 6.39 -20.79
CA ARG A 293 15.07 5.00 -20.40
C ARG A 293 16.38 4.84 -19.63
N ASP A 294 17.40 5.62 -19.95
CA ASP A 294 18.67 5.46 -19.25
CA ASP A 294 18.69 5.48 -19.25
C ASP A 294 18.53 5.75 -17.76
N GLN A 295 17.70 6.74 -17.40
CA GLN A 295 17.46 7.01 -15.99
C GLN A 295 16.65 5.89 -15.33
N TRP A 296 15.75 5.26 -16.09
CA TRP A 296 15.00 4.13 -15.56
C TRP A 296 15.92 2.94 -15.29
N CYS A 297 16.84 2.66 -16.20
CA CYS A 297 17.77 1.55 -16.00
C CYS A 297 18.74 1.82 -14.86
N ALA A 298 19.09 3.09 -14.63
CA ALA A 298 20.17 3.42 -13.71
C ALA A 298 19.75 3.31 -12.24
N ASN A 299 18.50 3.62 -11.93
CA ASN A 299 18.06 3.76 -10.55
C ASN A 299 17.09 2.66 -10.17
N ASP A 300 16.92 2.48 -8.86
CA ASP A 300 15.80 1.70 -8.34
C ASP A 300 14.54 2.53 -8.21
N ASP A 301 14.65 3.85 -8.37
CA ASP A 301 13.51 4.76 -8.38
C ASP A 301 12.91 4.73 -9.78
N GLY A 302 11.99 3.79 -10.00
CA GLY A 302 11.60 3.46 -11.36
C GLY A 302 10.82 4.56 -12.06
N LEU A 303 9.86 5.17 -11.37
CA LEU A 303 9.00 6.18 -11.96
C LEU A 303 9.22 7.53 -11.28
N SER A 304 9.10 8.60 -12.07
CA SER A 304 9.07 9.94 -11.52
C SER A 304 7.83 10.09 -10.63
N PRO A 305 7.87 11.02 -9.67
CA PRO A 305 6.66 11.28 -8.88
C PRO A 305 5.44 11.61 -9.72
N LEU A 306 5.61 12.31 -10.84
CA LEU A 306 4.48 12.58 -11.72
C LEU A 306 3.91 11.29 -12.29
N ASP A 307 4.78 10.37 -12.73
CA ASP A 307 4.29 9.14 -13.33
C ASP A 307 3.67 8.21 -12.29
N VAL A 308 4.16 8.23 -11.05
CA VAL A 308 3.54 7.44 -9.98
C VAL A 308 2.08 7.86 -9.81
N ALA A 309 1.83 9.16 -9.74
CA ALA A 309 0.47 9.66 -9.53
C ALA A 309 -0.41 9.42 -10.75
N SER A 310 0.08 9.81 -11.94
CA SER A 310 -0.78 9.88 -13.12
C SER A 310 -0.93 8.55 -13.85
N GLN A 311 0.07 7.67 -13.78
CA GLN A 311 0.00 6.41 -14.51
C GLN A 311 -0.19 5.19 -13.63
N VAL A 312 -0.16 5.35 -12.30
CA VAL A 312 -0.34 4.20 -11.42
C VAL A 312 -1.42 4.49 -10.39
N ALA A 313 -1.18 5.47 -9.51
CA ALA A 313 -2.04 5.65 -8.34
C ALA A 313 -3.48 5.97 -8.73
N VAL A 314 -3.66 6.93 -9.65
CA VAL A 314 -5.01 7.32 -10.05
C VAL A 314 -5.60 6.27 -10.99
N PRO A 315 -4.87 5.72 -11.97
CA PRO A 315 -5.44 4.61 -12.76
C PRO A 315 -5.93 3.44 -11.93
N GLU A 316 -5.38 3.23 -10.72
CA GLU A 316 -5.92 2.20 -9.83
C GLU A 316 -7.36 2.48 -9.44
N PHE A 317 -7.75 3.76 -9.41
CA PHE A 317 -9.15 4.09 -9.10
C PHE A 317 -10.10 3.49 -10.13
N ASP A 318 -9.63 3.26 -11.35
CA ASP A 318 -10.43 2.65 -12.41
C ASP A 318 -10.49 1.13 -12.32
N GLY A 319 -9.70 0.51 -11.45
CA GLY A 319 -9.59 -0.93 -11.47
C GLY A 319 -8.66 -1.49 -12.51
N ARG A 320 -7.74 -0.68 -13.02
CA ARG A 320 -6.78 -1.13 -14.02
C ARG A 320 -5.70 -1.98 -13.37
N ILE A 321 -5.18 -2.94 -14.15
CA ILE A 321 -4.04 -3.74 -13.73
C ILE A 321 -2.76 -2.99 -14.08
N ILE A 322 -1.89 -2.80 -13.08
CA ILE A 322 -0.64 -2.08 -13.26
C ILE A 322 0.42 -3.06 -13.76
N THR A 323 1.01 -2.78 -14.91
CA THR A 323 2.04 -3.64 -15.49
C THR A 323 3.39 -2.92 -15.43
N VAL A 324 4.12 -2.81 -16.54
CA VAL A 324 5.51 -2.35 -16.53
C VAL A 324 5.69 -1.29 -17.60
N PRO A 325 6.82 -0.57 -17.63
CA PRO A 325 7.02 0.43 -18.69
C PRO A 325 7.53 -0.22 -19.97
N PHE A 326 6.82 0.02 -21.08
CA PHE A 326 7.26 -0.50 -22.36
C PHE A 326 7.76 0.59 -23.31
N SER A 327 7.65 1.86 -22.94
CA SER A 327 8.20 2.95 -23.75
C SER A 327 8.64 4.07 -22.83
N PHE A 328 9.54 4.92 -23.34
CA PHE A 328 10.20 5.94 -22.54
C PHE A 328 10.34 7.21 -23.35
N LYS A 329 10.15 8.33 -22.68
CA LYS A 329 10.16 9.64 -23.32
C LYS A 329 11.60 10.05 -23.64
N GLU A 330 11.87 10.33 -24.90
CA GLU A 330 13.19 10.79 -25.34
C GLU A 330 13.04 12.11 -26.07
N ILE A 331 14.02 13.00 -25.89
CA ILE A 331 13.98 14.34 -26.46
C ILE A 331 15.17 14.50 -27.41
N ASP A 332 14.93 15.17 -28.54
CA ASP A 332 15.97 15.43 -29.51
C ASP A 332 16.47 16.86 -29.36
N ASP A 333 17.22 17.34 -30.34
CA ASP A 333 17.82 18.67 -30.25
C ASP A 333 16.78 19.78 -30.32
N ASP A 334 15.72 19.58 -31.11
CA ASP A 334 14.70 20.59 -31.33
C ASP A 334 13.71 20.70 -30.16
N GLY A 335 13.95 19.98 -29.07
CA GLY A 335 12.96 19.91 -28.01
C GLY A 335 11.75 19.09 -28.37
N LEU A 336 11.83 18.30 -29.43
CA LEU A 336 10.71 17.48 -29.87
C LEU A 336 10.76 16.13 -29.16
N ILE A 337 9.61 15.68 -28.68
CA ILE A 337 9.48 14.50 -27.84
C ILE A 337 9.09 13.31 -28.70
N SER A 338 9.68 12.16 -28.41
CA SER A 338 9.28 10.90 -29.02
C SER A 338 9.31 9.81 -27.96
N TYR A 339 8.38 8.87 -28.06
CA TYR A 339 8.33 7.73 -27.15
C TYR A 339 8.95 6.52 -27.85
N VAL A 340 10.02 5.99 -27.27
CA VAL A 340 10.79 4.90 -27.85
C VAL A 340 10.53 3.65 -27.03
N ALA A 341 10.19 2.55 -27.70
CA ALA A 341 9.74 1.35 -27.03
C ALA A 341 10.90 0.41 -26.71
N ASP A 342 10.74 -0.32 -25.61
CA ASP A 342 11.65 -1.38 -25.19
C ASP A 342 11.03 -2.70 -25.62
N PRO A 343 11.60 -3.40 -26.61
CA PRO A 343 10.93 -4.61 -27.12
C PRO A 343 10.77 -5.70 -26.07
N GLU A 344 11.74 -5.86 -25.17
CA GLU A 344 11.61 -6.87 -24.13
C GLU A 344 10.47 -6.54 -23.17
N ARG A 345 10.36 -5.28 -22.76
CA ARG A 345 9.23 -4.89 -21.91
C ARG A 345 7.91 -4.93 -22.67
N CYS A 346 7.94 -4.68 -23.98
CA CYS A 346 6.75 -4.87 -24.79
C CYS A 346 6.26 -6.31 -24.70
N ALA A 347 7.19 -7.27 -24.68
CA ALA A 347 6.82 -8.67 -24.57
C ALA A 347 6.15 -8.97 -23.23
N ARG A 348 6.63 -8.33 -22.16
CA ARG A 348 6.02 -8.55 -20.85
C ARG A 348 4.60 -7.98 -20.81
N VAL A 349 4.41 -6.77 -21.32
CA VAL A 349 3.07 -6.18 -21.37
C VAL A 349 2.16 -7.01 -22.27
N ALA A 350 2.65 -7.35 -23.47
CA ALA A 350 1.86 -8.17 -24.39
C ALA A 350 1.55 -9.53 -23.79
N GLY A 351 2.55 -10.16 -23.15
CA GLY A 351 2.32 -11.46 -22.54
C GLY A 351 1.29 -11.40 -21.44
N LEU A 352 1.41 -10.41 -20.56
CA LEU A 352 0.42 -10.24 -19.50
C LEU A 352 -0.98 -10.06 -20.07
N ALA A 353 -1.11 -9.24 -21.11
CA ALA A 353 -2.43 -9.00 -21.69
C ALA A 353 -3.02 -10.27 -22.29
N VAL A 354 -2.20 -11.04 -23.01
CA VAL A 354 -2.70 -12.24 -23.65
C VAL A 354 -3.07 -13.29 -22.62
N ARG A 355 -2.24 -13.47 -21.58
CA ARG A 355 -2.52 -14.46 -20.55
C ARG A 355 -3.82 -14.14 -19.82
N HIS A 356 -4.08 -12.86 -19.55
CA HIS A 356 -5.33 -12.49 -18.90
C HIS A 356 -6.51 -12.70 -19.82
N ALA A 357 -6.36 -12.36 -21.10
CA ALA A 357 -7.44 -12.60 -22.06
C ALA A 357 -7.67 -14.08 -22.27
N ARG A 358 -6.60 -14.89 -22.23
CA ARG A 358 -6.73 -16.33 -22.42
C ARG A 358 -7.62 -16.97 -21.36
N LEU A 359 -7.69 -16.36 -20.17
CA LEU A 359 -8.47 -16.95 -19.08
C LEU A 359 -9.93 -17.12 -19.45
N ARG A 360 -10.48 -16.19 -20.24
CA ARG A 360 -11.87 -16.31 -20.65
C ARG A 360 -12.09 -17.48 -21.58
N GLN A 361 -11.04 -17.91 -22.29
CA GLN A 361 -11.15 -18.97 -23.28
C GLN A 361 -11.03 -20.36 -22.70
N VAL A 362 -10.50 -20.51 -21.48
CA VAL A 362 -10.24 -21.81 -20.89
C VAL A 362 -11.38 -22.15 -19.94
N ALA A 363 -12.06 -23.26 -20.22
CA ALA A 363 -13.15 -23.70 -19.37
C ALA A 363 -12.62 -24.16 -18.01
N PRO A 364 -13.44 -24.09 -16.96
CA PRO A 364 -12.98 -24.55 -15.64
C PRO A 364 -12.38 -25.94 -15.63
N ALA A 365 -12.92 -26.86 -16.42
CA ALA A 365 -12.43 -28.24 -16.41
C ALA A 365 -11.01 -28.35 -16.95
N ASP A 366 -10.55 -27.39 -17.74
CA ASP A 366 -9.21 -27.41 -18.31
C ASP A 366 -8.26 -26.41 -17.66
N LYS A 367 -8.72 -25.64 -16.69
CA LYS A 367 -7.94 -24.54 -16.14
C LYS A 367 -7.01 -25.03 -15.03
N ARG A 368 -5.73 -24.71 -15.16
CA ARG A 368 -4.73 -25.08 -14.17
CA ARG A 368 -4.72 -25.07 -14.17
C ARG A 368 -4.45 -23.87 -13.28
N VAL A 369 -4.55 -24.08 -11.97
CA VAL A 369 -4.42 -23.00 -10.99
C VAL A 369 -3.40 -23.38 -9.94
N ALA A 370 -2.52 -22.44 -9.61
CA ALA A 370 -1.60 -22.58 -8.49
C ALA A 370 -2.11 -21.78 -7.30
N LEU A 371 -2.27 -22.44 -6.16
CA LEU A 371 -2.68 -21.82 -4.91
C LEU A 371 -1.45 -21.75 -4.01
N VAL A 372 -0.97 -20.54 -3.76
CA VAL A 372 0.29 -20.32 -3.05
C VAL A 372 0.00 -19.73 -1.67
N PHE A 373 0.61 -20.30 -0.64
CA PHE A 373 0.44 -19.87 0.74
C PHE A 373 1.71 -19.16 1.22
N SER A 374 1.53 -18.06 1.96
CA SER A 374 2.65 -17.41 2.61
C SER A 374 3.24 -18.30 3.69
N ALA A 375 4.50 -18.04 4.05
CA ALA A 375 5.20 -18.83 5.04
C ALA A 375 6.02 -17.92 5.95
N TYR A 376 6.55 -18.51 7.01
CA TYR A 376 7.40 -17.82 7.99
C TYR A 376 6.71 -16.60 8.59
N ARG A 382 4.92 -22.52 10.25
CA ARG A 382 4.15 -21.28 10.28
C ARG A 382 3.59 -20.97 8.90
N ILE A 383 2.98 -21.96 8.27
CA ILE A 383 2.44 -21.85 6.92
C ILE A 383 1.04 -21.26 6.97
N GLY A 384 0.77 -20.32 6.09
CA GLY A 384 -0.55 -19.74 5.97
C GLY A 384 -0.73 -18.38 6.63
N ASN A 385 0.34 -17.59 6.77
CA ASN A 385 0.22 -16.27 7.34
CA ASN A 385 0.22 -16.27 7.34
C ASN A 385 -0.76 -15.44 6.54
N ALA A 386 -1.82 -14.96 7.20
CA ALA A 386 -2.82 -14.13 6.55
C ALA A 386 -3.52 -13.32 7.62
N VAL A 387 -3.34 -12.00 7.60
CA VAL A 387 -3.81 -11.16 8.68
C VAL A 387 -5.32 -11.13 8.70
N GLY A 388 -5.91 -11.44 9.86
CA GLY A 388 -7.35 -11.46 10.05
C GLY A 388 -8.10 -12.56 9.35
N LEU A 389 -7.40 -13.47 8.65
CA LEU A 389 -8.05 -14.43 7.78
C LEU A 389 -7.77 -15.85 8.27
N ASP A 390 -8.83 -16.67 8.28
CA ASP A 390 -8.68 -18.11 8.48
C ASP A 390 -8.28 -18.71 7.13
N THR A 391 -6.97 -18.78 6.91
CA THR A 391 -6.45 -19.24 5.62
C THR A 391 -6.86 -20.68 5.30
N PRO A 392 -6.74 -21.66 6.21
CA PRO A 392 -7.16 -23.03 5.84
C PRO A 392 -8.64 -23.13 5.51
N ALA A 393 -9.51 -22.51 6.31
CA ALA A 393 -10.94 -22.58 6.03
C ALA A 393 -11.29 -21.84 4.74
N SER A 394 -10.61 -20.73 4.47
CA SER A 394 -10.82 -20.00 3.22
C SER A 394 -10.36 -20.82 2.03
N ALA A 395 -9.23 -21.51 2.16
CA ALA A 395 -8.76 -22.37 1.08
C ALA A 395 -9.74 -23.50 0.80
N VAL A 396 -10.27 -24.14 1.85
CA VAL A 396 -11.27 -25.19 1.67
C VAL A 396 -12.49 -24.64 0.94
N ALA A 397 -13.00 -23.50 1.41
CA ALA A 397 -14.20 -22.93 0.81
C ALA A 397 -13.96 -22.54 -0.65
N LEU A 398 -12.76 -22.06 -0.96
CA LEU A 398 -12.43 -21.72 -2.35
C LEU A 398 -12.36 -22.98 -3.19
N LEU A 399 -11.67 -24.02 -2.70
CA LEU A 399 -11.54 -25.25 -3.47
C LEU A 399 -12.90 -25.92 -3.68
N GLN A 400 -13.77 -25.87 -2.67
CA GLN A 400 -15.12 -26.41 -2.82
C GLN A 400 -15.90 -25.65 -3.88
N ALA A 401 -15.79 -24.32 -3.89
CA ALA A 401 -16.49 -23.53 -4.89
C ALA A 401 -15.92 -23.78 -6.29
N MET A 402 -14.59 -23.95 -6.39
CA MET A 402 -13.99 -24.27 -7.68
C MET A 402 -14.47 -25.61 -8.20
N ARG A 403 -14.52 -26.62 -7.33
CA ARG A 403 -15.05 -27.92 -7.74
C ARG A 403 -16.48 -27.80 -8.24
N GLN A 404 -17.31 -27.00 -7.54
CA GLN A 404 -18.69 -26.83 -7.97
C GLN A 404 -18.78 -26.12 -9.31
N ARG A 405 -17.85 -25.21 -9.60
CA ARG A 405 -17.82 -24.50 -10.87
C ARG A 405 -17.29 -25.37 -12.01
N GLY A 406 -16.70 -26.52 -11.70
CA GLY A 406 -16.20 -27.42 -12.72
C GLY A 406 -14.70 -27.59 -12.77
N TYR A 407 -13.95 -26.98 -11.86
CA TYR A 407 -12.51 -27.20 -11.79
C TYR A 407 -12.20 -28.62 -11.34
N ARG A 408 -11.06 -29.14 -11.80
CA ARG A 408 -10.60 -30.45 -11.38
C ARG A 408 -9.68 -30.26 -10.18
N VAL A 409 -10.24 -30.40 -8.97
CA VAL A 409 -9.50 -30.14 -7.73
C VAL A 409 -8.93 -31.41 -7.13
N GLY A 410 -9.07 -32.54 -7.81
CA GLY A 410 -8.53 -33.78 -7.29
C GLY A 410 -9.20 -34.19 -5.99
N ASP A 411 -8.45 -34.90 -5.14
CA ASP A 411 -8.98 -35.35 -3.86
C ASP A 411 -8.11 -34.84 -2.72
N LEU A 412 -8.06 -33.52 -2.57
CA LEU A 412 -7.25 -32.93 -1.52
C LEU A 412 -7.87 -33.20 -0.16
N PRO A 413 -7.06 -33.59 0.83
CA PRO A 413 -7.61 -33.83 2.17
C PRO A 413 -8.26 -32.56 2.72
N GLY A 414 -9.40 -32.75 3.37
CA GLY A 414 -10.12 -31.64 3.97
C GLY A 414 -11.07 -30.91 3.05
N VAL A 415 -10.93 -31.06 1.73
CA VAL A 415 -11.85 -30.41 0.81
C VAL A 415 -13.20 -31.11 0.84
N GLU A 416 -13.20 -32.42 0.58
CA GLU A 416 -14.43 -33.20 0.66
C GLU A 416 -14.98 -33.24 2.08
N SER A 417 -14.10 -33.45 3.06
CA SER A 417 -14.52 -33.57 4.46
C SER A 417 -14.71 -32.22 5.14
N ASN A 418 -14.52 -31.11 4.43
CA ASN A 418 -14.71 -29.75 4.97
C ASN A 418 -13.89 -29.53 6.23
N ASP A 419 -12.57 -29.73 6.10
CA ASP A 419 -11.68 -29.76 7.25
C ASP A 419 -10.41 -28.99 6.89
N GLY A 420 -10.34 -27.73 7.33
CA GLY A 420 -9.17 -26.91 7.04
C GLY A 420 -7.89 -27.46 7.64
N ASP A 421 -7.97 -28.03 8.84
CA ASP A 421 -6.79 -28.62 9.46
C ASP A 421 -6.22 -29.75 8.61
N ALA A 422 -7.09 -30.61 8.07
CA ALA A 422 -6.60 -31.71 7.25
C ALA A 422 -5.89 -31.19 6.01
N LEU A 423 -6.43 -30.15 5.39
CA LEU A 423 -5.80 -29.58 4.20
C LEU A 423 -4.43 -29.00 4.52
N ILE A 424 -4.36 -28.15 5.56
CA ILE A 424 -3.11 -27.48 5.85
C ILE A 424 -2.08 -28.47 6.38
N HIS A 425 -2.52 -29.49 7.13
CA HIS A 425 -1.57 -30.51 7.58
C HIS A 425 -1.00 -31.28 6.39
N ALA A 426 -1.84 -31.58 5.40
CA ALA A 426 -1.36 -32.27 4.21
C ALA A 426 -0.35 -31.41 3.45
N LEU A 427 -0.57 -30.10 3.42
CA LEU A 427 0.38 -29.22 2.75
C LEU A 427 1.70 -29.15 3.50
N ILE A 428 1.66 -29.07 4.83
CA ILE A 428 2.88 -29.04 5.61
C ILE A 428 3.68 -30.32 5.40
N GLU A 429 2.99 -31.47 5.37
CA GLU A 429 3.67 -32.75 5.28
C GLU A 429 4.34 -32.95 3.92
N CYS A 430 3.70 -32.49 2.85
CA CYS A 430 4.18 -32.75 1.49
CA CYS A 430 4.20 -32.75 1.50
C CYS A 430 4.54 -31.47 0.73
N GLY A 431 4.58 -30.32 1.40
CA GLY A 431 4.89 -29.09 0.70
C GLY A 431 5.82 -28.16 1.45
N GLY A 432 6.24 -28.55 2.64
CA GLY A 432 7.15 -27.72 3.42
C GLY A 432 8.57 -27.77 2.86
N HIS A 433 9.27 -26.65 3.02
CA HIS A 433 10.65 -26.55 2.56
C HIS A 433 11.62 -26.60 3.74
N ASN A 446 7.59 -37.92 -6.32
CA ASN A 446 6.61 -37.26 -5.45
C ASN A 446 6.87 -35.75 -5.31
N PRO A 447 8.10 -35.34 -5.03
CA PRO A 447 8.42 -33.91 -5.15
C PRO A 447 8.83 -33.56 -6.57
N ILE A 448 8.51 -32.33 -6.97
CA ILE A 448 8.85 -31.88 -8.31
C ILE A 448 10.35 -31.72 -8.43
N ARG A 449 10.88 -32.08 -9.60
CA ARG A 449 12.32 -32.00 -9.86
C ARG A 449 12.55 -31.26 -11.16
N VAL A 450 13.29 -30.16 -11.09
CA VAL A 450 13.66 -29.37 -12.27
C VAL A 450 15.13 -29.64 -12.58
N SER A 451 15.40 -30.04 -13.82
CA SER A 451 16.77 -30.35 -14.20
C SER A 451 17.62 -29.09 -14.20
N ALA A 452 18.87 -29.23 -13.75
CA ALA A 452 19.78 -28.08 -13.72
C ALA A 452 20.00 -27.51 -15.11
N LYS A 453 19.98 -28.35 -16.14
CA LYS A 453 20.18 -27.88 -17.50
C LYS A 453 19.05 -26.96 -17.93
N GLU A 454 17.80 -27.37 -17.71
CA GLU A 454 16.66 -26.53 -18.10
C GLU A 454 16.62 -25.26 -17.27
N TYR A 455 16.95 -25.35 -15.98
CA TYR A 455 16.98 -24.16 -15.15
C TYR A 455 18.02 -23.17 -15.66
N ARG A 456 19.23 -23.66 -15.95
CA ARG A 456 20.29 -22.78 -16.45
C ARG A 456 19.91 -22.16 -17.79
N ASP A 457 19.23 -22.93 -18.66
CA ASP A 457 18.81 -22.37 -19.93
C ASP A 457 17.88 -21.19 -19.75
N TRP A 458 16.99 -21.25 -18.76
CA TRP A 458 16.15 -20.09 -18.46
C TRP A 458 16.94 -19.01 -17.75
N PHE A 459 17.74 -19.40 -16.75
CA PHE A 459 18.51 -18.44 -15.97
C PHE A 459 19.37 -17.56 -16.88
N ALA A 460 19.91 -18.15 -17.94
CA ALA A 460 20.81 -17.43 -18.85
C ALA A 460 20.10 -16.36 -19.67
N THR A 461 18.77 -16.42 -19.79
CA THR A 461 18.05 -15.40 -20.54
C THR A 461 17.80 -14.14 -19.73
N LEU A 462 18.14 -14.14 -18.44
CA LEU A 462 17.95 -12.98 -17.59
C LEU A 462 19.08 -11.97 -17.80
N PRO A 463 18.84 -10.70 -17.49
CA PRO A 463 19.92 -9.71 -17.59
C PRO A 463 21.06 -10.03 -16.63
N ALA A 464 22.27 -9.75 -17.08
CA ALA A 464 23.45 -9.98 -16.23
C ALA A 464 23.36 -9.21 -14.92
N GLU A 465 22.70 -8.05 -14.92
CA GLU A 465 22.51 -7.31 -13.67
C GLU A 465 21.87 -8.19 -12.61
N LEU A 466 20.94 -9.05 -13.00
CA LEU A 466 20.27 -9.91 -12.04
C LEU A 466 21.06 -11.18 -11.78
N THR A 467 21.55 -11.82 -12.84
CA THR A 467 22.25 -13.10 -12.64
C THR A 467 23.56 -12.91 -11.90
N ASP A 468 24.22 -11.77 -12.07
CA ASP A 468 25.44 -11.50 -11.31
C ASP A 468 25.16 -11.49 -9.81
N VAL A 469 24.08 -10.85 -9.40
CA VAL A 469 23.77 -10.73 -7.97
CA VAL A 469 23.82 -10.74 -7.96
C VAL A 469 23.31 -12.06 -7.41
N VAL A 470 22.48 -12.78 -8.16
CA VAL A 470 21.98 -14.07 -7.68
C VAL A 470 23.12 -15.06 -7.50
N THR A 471 24.02 -15.15 -8.48
CA THR A 471 25.14 -16.07 -8.35
C THR A 471 26.15 -15.59 -7.31
N ALA A 472 26.22 -14.28 -7.07
CA ALA A 472 27.14 -13.77 -6.06
C ALA A 472 26.75 -14.26 -4.67
N TYR A 473 25.45 -14.36 -4.40
CA TYR A 473 24.97 -14.79 -3.10
C TYR A 473 24.69 -16.28 -3.01
N TRP A 474 24.25 -16.90 -4.11
CA TRP A 474 23.81 -18.28 -4.07
C TRP A 474 24.66 -19.22 -4.91
N GLY A 475 25.74 -18.74 -5.52
CA GLY A 475 26.60 -19.57 -6.31
C GLY A 475 26.08 -19.75 -7.72
N PRO A 476 26.87 -20.39 -8.59
CA PRO A 476 26.41 -20.63 -9.94
C PRO A 476 25.20 -21.55 -9.92
N PRO A 477 24.35 -21.49 -10.95
CA PRO A 477 23.20 -22.38 -11.00
C PRO A 477 23.66 -23.82 -11.09
N PRO A 478 22.88 -24.76 -10.51
CA PRO A 478 21.58 -24.58 -9.87
C PRO A 478 21.66 -24.24 -8.37
N GLY A 479 22.83 -23.84 -7.90
CA GLY A 479 22.98 -23.52 -6.50
C GLY A 479 23.18 -24.75 -5.63
N GLU A 480 23.01 -24.55 -4.32
CA GLU A 480 23.17 -25.61 -3.34
C GLU A 480 21.94 -25.80 -2.47
N LEU A 481 20.85 -25.08 -2.74
CA LEU A 481 19.62 -25.19 -1.95
C LEU A 481 18.69 -26.20 -2.61
N PHE A 482 18.41 -27.30 -1.90
CA PHE A 482 17.46 -28.32 -2.36
C PHE A 482 17.86 -28.87 -3.73
N VAL A 483 19.15 -29.09 -3.93
CA VAL A 483 19.68 -29.65 -5.17
C VAL A 483 20.03 -31.11 -4.90
N ASP A 484 19.43 -32.02 -5.66
CA ASP A 484 19.71 -33.45 -5.52
C ASP A 484 20.62 -33.88 -6.67
N ARG A 485 21.68 -34.61 -6.31
CA ARG A 485 22.60 -35.17 -7.30
C ARG A 485 22.50 -36.68 -7.39
N SER A 486 21.40 -37.27 -6.92
CA SER A 486 21.23 -38.71 -6.93
C SER A 486 20.97 -39.24 -8.33
N HIS A 487 19.82 -38.89 -8.90
CA HIS A 487 19.49 -39.32 -10.26
C HIS A 487 20.46 -38.70 -11.25
N ASP A 488 20.36 -37.40 -11.48
CA ASP A 488 21.29 -36.70 -12.37
C ASP A 488 22.46 -36.15 -11.56
N PRO A 489 23.70 -36.47 -11.94
CA PRO A 489 24.85 -35.92 -11.21
C PRO A 489 25.08 -34.45 -11.46
N ASP A 490 24.47 -33.88 -12.50
CA ASP A 490 24.60 -32.45 -12.75
C ASP A 490 23.62 -31.61 -11.94
N GLY A 491 22.63 -32.25 -11.31
CA GLY A 491 21.76 -31.54 -10.40
C GLY A 491 20.29 -31.49 -10.78
N GLU A 492 19.43 -31.58 -9.78
CA GLU A 492 18.00 -31.35 -9.93
C GLU A 492 17.53 -30.52 -8.76
N ILE A 493 16.79 -29.45 -9.04
CA ILE A 493 16.22 -28.62 -7.98
C ILE A 493 14.90 -29.24 -7.56
N VAL A 494 14.80 -29.60 -6.29
CA VAL A 494 13.64 -30.31 -5.76
C VAL A 494 12.66 -29.30 -5.19
N ILE A 495 11.40 -29.39 -5.63
CA ILE A 495 10.35 -28.44 -5.27
C ILE A 495 9.22 -29.21 -4.61
N ALA A 496 8.99 -28.95 -3.32
CA ALA A 496 7.88 -29.56 -2.61
C ALA A 496 6.59 -28.85 -2.98
N ALA A 497 5.55 -29.62 -3.33
CA ALA A 497 4.26 -29.05 -3.69
C ALA A 497 3.21 -30.16 -3.64
N LEU A 498 1.98 -29.76 -3.38
CA LEU A 498 0.85 -30.67 -3.28
C LEU A 498 0.01 -30.54 -4.55
N ARG A 499 0.07 -31.57 -5.39
CA ARG A 499 -0.61 -31.57 -6.68
C ARG A 499 -1.84 -32.47 -6.63
N ALA A 500 -2.94 -31.98 -7.21
CA ALA A 500 -4.18 -32.77 -7.28
C ALA A 500 -5.02 -32.24 -8.42
N GLY A 501 -5.38 -33.13 -9.35
CA GLY A 501 -6.16 -32.70 -10.50
C GLY A 501 -5.40 -31.65 -11.30
N ASN A 502 -6.07 -30.53 -11.57
CA ASN A 502 -5.45 -29.41 -12.27
C ASN A 502 -4.97 -28.34 -11.30
N LEU A 503 -4.77 -28.69 -10.04
CA LEU A 503 -4.39 -27.74 -9.00
C LEU A 503 -3.04 -28.12 -8.43
N VAL A 504 -2.28 -27.10 -8.01
CA VAL A 504 -1.10 -27.30 -7.21
C VAL A 504 -1.17 -26.34 -6.03
N LEU A 505 -0.97 -26.88 -4.83
CA LEU A 505 -0.87 -26.09 -3.61
C LEU A 505 0.59 -26.07 -3.19
N MET A 506 1.14 -24.88 -3.04
CA MET A 506 2.57 -24.72 -2.79
C MET A 506 2.79 -23.70 -1.68
N VAL A 507 3.69 -24.01 -0.78
CA VAL A 507 4.17 -23.02 0.18
C VAL A 507 5.16 -22.13 -0.54
N GLN A 508 4.98 -20.82 -0.40
CA GLN A 508 5.89 -19.86 -1.03
C GLN A 508 7.33 -20.17 -0.63
N PRO A 509 8.27 -20.21 -1.56
CA PRO A 509 9.64 -20.59 -1.21
C PRO A 509 10.22 -19.60 -0.22
N PRO A 510 11.20 -20.03 0.59
CA PRO A 510 11.74 -19.13 1.61
C PRO A 510 12.57 -18.02 1.00
N ARG A 511 12.52 -16.86 1.67
CA ARG A 511 13.25 -15.69 1.22
CA ARG A 511 13.25 -15.69 1.19
C ARG A 511 14.75 -15.94 1.19
N GLY A 512 15.26 -16.69 2.17
CA GLY A 512 16.67 -17.06 2.21
C GLY A 512 17.45 -16.57 3.42
N PHE A 513 16.87 -15.76 4.30
CA PHE A 513 17.64 -15.24 5.44
C PHE A 513 17.88 -16.30 6.50
N GLY A 514 17.04 -17.34 6.56
CA GLY A 514 17.32 -18.45 7.46
C GLY A 514 18.53 -19.25 7.03
N GLU A 515 18.80 -19.32 5.73
CA GLU A 515 19.95 -20.05 5.23
CA GLU A 515 19.94 -20.04 5.20
C GLU A 515 21.25 -19.28 5.40
N ASN A 516 21.19 -17.97 5.63
CA ASN A 516 22.39 -17.15 5.80
C ASN A 516 22.11 -16.05 6.80
N PRO A 517 22.39 -16.31 8.09
CA PRO A 517 22.20 -15.24 9.09
C PRO A 517 23.17 -14.08 8.94
N VAL A 518 24.32 -14.27 8.29
CA VAL A 518 25.21 -13.16 8.00
C VAL A 518 24.51 -12.14 7.10
N ALA A 519 23.61 -12.61 6.23
CA ALA A 519 22.87 -11.69 5.37
C ALA A 519 21.93 -10.80 6.18
N ILE A 520 21.51 -11.24 7.36
CA ILE A 520 20.65 -10.39 8.19
C ILE A 520 21.41 -9.16 8.67
N TYR A 521 22.69 -9.32 8.98
CA TYR A 521 23.49 -8.20 9.47
C TYR A 521 24.01 -7.30 8.35
N HIS A 522 23.99 -7.75 7.10
CA HIS A 522 24.71 -7.02 6.06
C HIS A 522 23.99 -6.87 4.72
N ASP A 523 22.96 -7.66 4.43
CA ASP A 523 22.41 -7.73 3.07
C ASP A 523 20.88 -7.68 3.10
N PRO A 524 20.31 -6.50 3.36
CA PRO A 524 18.86 -6.35 3.15
C PRO A 524 18.46 -6.60 1.71
N ASP A 525 19.38 -6.47 0.76
CA ASP A 525 19.12 -6.69 -0.67
C ASP A 525 19.41 -8.12 -1.11
N LEU A 526 19.34 -9.09 -0.20
CA LEU A 526 19.56 -10.49 -0.53
C LEU A 526 18.65 -10.91 -1.68
N PRO A 527 19.21 -11.37 -2.80
CA PRO A 527 18.38 -11.74 -3.94
C PRO A 527 17.68 -13.07 -3.70
N PRO A 528 16.64 -13.39 -4.48
CA PRO A 528 16.04 -14.72 -4.36
C PRO A 528 17.04 -15.78 -4.77
N SER A 529 16.89 -16.96 -4.17
CA SER A 529 17.76 -18.08 -4.46
C SER A 529 17.37 -18.75 -5.77
N HIS A 530 18.23 -19.66 -6.25
CA HIS A 530 17.88 -20.47 -7.41
C HIS A 530 16.66 -21.34 -7.13
N HIS A 531 16.52 -21.83 -5.89
CA HIS A 531 15.34 -22.61 -5.54
C HIS A 531 14.08 -21.76 -5.59
N TYR A 532 14.15 -20.54 -5.08
CA TYR A 532 13.01 -19.62 -5.15
C TYR A 532 12.59 -19.39 -6.59
N LEU A 533 13.56 -19.08 -7.46
CA LEU A 533 13.25 -18.81 -8.87
C LEU A 533 12.74 -20.07 -9.56
N ALA A 534 13.39 -21.21 -9.30
CA ALA A 534 12.97 -22.46 -9.94
C ALA A 534 11.52 -22.80 -9.60
N ALA A 535 11.13 -22.60 -8.34
CA ALA A 535 9.78 -22.96 -7.92
C ALA A 535 8.73 -22.14 -8.67
N TYR A 536 8.93 -20.82 -8.76
CA TYR A 536 7.96 -20.00 -9.48
C TYR A 536 8.01 -20.27 -10.97
N ARG A 537 9.20 -20.49 -11.53
CA ARG A 537 9.29 -20.79 -12.95
C ARG A 537 8.67 -22.14 -13.28
N TRP A 538 8.64 -23.07 -12.32
CA TRP A 538 7.99 -24.34 -12.58
C TRP A 538 6.47 -24.20 -12.60
N LEU A 539 5.92 -23.22 -11.87
CA LEU A 539 4.49 -22.96 -11.95
C LEU A 539 4.06 -22.52 -13.34
N ASP A 540 4.98 -21.98 -14.13
CA ASP A 540 4.68 -21.42 -15.44
C ASP A 540 4.93 -22.49 -16.51
N THR A 541 4.98 -22.05 -17.77
N THR A 541 4.93 -22.06 -17.77
CA THR A 541 5.32 -22.90 -18.90
CA THR A 541 5.34 -22.92 -18.86
C THR A 541 6.76 -22.66 -19.31
C THR A 541 6.83 -22.73 -19.12
N GLY A 542 7.43 -23.72 -19.76
CA GLY A 542 8.83 -23.62 -20.15
C GLY A 542 9.62 -24.86 -19.81
N PHE A 543 9.58 -25.27 -18.55
CA PHE A 543 10.19 -26.52 -18.15
C PHE A 543 9.40 -27.69 -18.74
N SER A 544 10.11 -28.74 -19.13
CA SER A 544 9.46 -29.88 -19.76
C SER A 544 8.41 -30.50 -18.86
N ASN A 545 8.64 -30.49 -17.55
CA ASN A 545 7.66 -30.94 -16.57
C ASN A 545 6.95 -29.77 -15.90
N GLY A 546 6.90 -28.61 -16.55
CA GLY A 546 6.31 -27.44 -15.94
C GLY A 546 4.82 -27.62 -15.69
N PHE A 547 4.35 -26.98 -14.61
CA PHE A 547 2.93 -27.07 -14.26
C PHE A 547 2.06 -26.37 -15.29
N GLY A 548 2.51 -25.21 -15.79
CA GLY A 548 1.75 -24.48 -16.79
C GLY A 548 0.46 -23.90 -16.25
N ALA A 549 0.55 -23.20 -15.11
CA ALA A 549 -0.63 -22.60 -14.51
C ALA A 549 -1.22 -21.52 -15.41
N HIS A 550 -2.55 -21.48 -15.49
CA HIS A 550 -3.22 -20.36 -16.13
C HIS A 550 -3.23 -19.13 -15.24
N ALA A 551 -3.19 -19.31 -13.92
CA ALA A 551 -3.20 -18.19 -12.99
C ALA A 551 -2.67 -18.66 -11.64
N VAL A 552 -2.17 -17.70 -10.87
CA VAL A 552 -1.72 -17.91 -9.50
C VAL A 552 -2.72 -17.21 -8.57
N VAL A 553 -3.15 -17.92 -7.53
CA VAL A 553 -3.93 -17.34 -6.45
C VAL A 553 -3.08 -17.38 -5.19
N HIS A 554 -2.76 -16.21 -4.64
CA HIS A 554 -2.04 -16.13 -3.37
C HIS A 554 -3.02 -15.80 -2.26
N LEU A 555 -3.00 -16.59 -1.19
CA LEU A 555 -4.03 -16.52 -0.16
C LEU A 555 -3.60 -15.59 0.97
N GLY A 556 -4.19 -14.40 1.02
CA GLY A 556 -4.12 -13.56 2.19
C GLY A 556 -2.87 -12.69 2.26
N LYS A 557 -2.94 -11.70 3.15
CA LYS A 557 -1.86 -10.74 3.35
C LYS A 557 -0.81 -11.31 4.29
N HIS A 558 0.44 -11.47 3.81
CA HIS A 558 0.83 -11.32 2.40
C HIS A 558 2.06 -12.18 2.15
N GLY A 559 2.41 -12.38 0.87
CA GLY A 559 3.59 -13.13 0.51
C GLY A 559 4.81 -12.23 0.35
N ASN A 560 5.92 -12.85 -0.10
CA ASN A 560 7.18 -12.14 -0.22
C ASN A 560 7.57 -11.79 -1.64
N LEU A 561 6.86 -12.32 -2.64
N LEU A 561 6.88 -12.31 -2.65
CA LEU A 561 7.22 -12.10 -4.03
CA LEU A 561 7.29 -12.06 -4.03
C LEU A 561 7.23 -10.61 -4.38
C LEU A 561 7.26 -10.57 -4.36
N GLU A 562 6.17 -9.90 -4.00
CA GLU A 562 6.06 -8.47 -4.29
C GLU A 562 6.97 -7.62 -3.41
N TRP A 563 7.76 -8.22 -2.54
CA TRP A 563 8.70 -7.50 -1.69
C TRP A 563 10.15 -7.85 -1.99
N LEU A 564 10.40 -8.59 -3.07
CA LEU A 564 11.76 -8.92 -3.47
C LEU A 564 12.49 -7.66 -3.94
N PRO A 565 13.83 -7.65 -3.85
CA PRO A 565 14.59 -6.48 -4.30
C PRO A 565 14.35 -6.18 -5.77
N GLY A 566 14.34 -4.90 -6.09
CA GLY A 566 14.08 -4.43 -7.43
C GLY A 566 13.68 -2.97 -7.38
N LYS A 567 13.21 -2.47 -8.53
CA LYS A 567 12.77 -1.09 -8.58
C LYS A 567 11.52 -0.88 -7.73
N THR A 568 11.31 0.37 -7.33
CA THR A 568 10.11 0.74 -6.56
C THR A 568 8.84 0.29 -7.28
N LEU A 569 8.73 0.62 -8.56
CA LEU A 569 7.66 0.15 -9.42
C LEU A 569 8.10 0.42 -10.85
N GLY A 570 7.30 -0.02 -11.81
CA GLY A 570 7.75 -0.05 -13.19
C GLY A 570 8.83 -1.11 -13.36
N MET A 571 8.46 -2.37 -13.11
CA MET A 571 9.44 -3.44 -12.98
C MET A 571 10.21 -3.63 -14.28
N SER A 572 11.49 -3.98 -14.13
CA SER A 572 12.39 -4.29 -15.24
C SER A 572 12.64 -5.78 -15.31
N ALA A 573 13.36 -6.19 -16.36
CA ALA A 573 13.72 -7.59 -16.51
C ALA A 573 14.73 -8.05 -15.47
N SER A 574 15.44 -7.13 -14.82
CA SER A 574 16.40 -7.50 -13.79
C SER A 574 15.79 -7.43 -12.39
N CYS A 575 14.51 -7.13 -12.27
CA CYS A 575 13.84 -7.05 -10.98
C CYS A 575 13.38 -8.44 -10.54
N GLY A 576 13.68 -8.80 -9.29
CA GLY A 576 13.32 -10.07 -8.72
C GLY A 576 11.88 -10.49 -8.94
N PRO A 577 10.91 -9.64 -8.59
CA PRO A 577 9.50 -10.00 -8.81
C PRO A 577 9.18 -10.30 -10.26
N ASP A 578 9.85 -9.65 -11.20
CA ASP A 578 9.55 -9.86 -12.62
C ASP A 578 10.11 -11.19 -13.11
N ALA A 579 11.34 -11.51 -12.71
CA ALA A 579 11.94 -12.78 -13.11
C ALA A 579 11.15 -13.96 -12.55
N ALA A 580 10.67 -13.83 -11.31
CA ALA A 580 9.95 -14.94 -10.69
C ALA A 580 8.55 -15.11 -11.30
N LEU A 581 7.78 -14.02 -11.38
CA LEU A 581 6.37 -14.13 -11.73
C LEU A 581 6.12 -14.14 -13.23
N GLY A 582 6.91 -13.38 -14.00
CA GLY A 582 6.74 -13.38 -15.45
C GLY A 582 5.38 -12.88 -15.87
N ASP A 583 4.77 -13.57 -16.84
CA ASP A 583 3.46 -13.23 -17.38
C ASP A 583 2.31 -13.84 -16.59
N LEU A 584 2.57 -14.52 -15.49
CA LEU A 584 1.53 -15.25 -14.77
C LEU A 584 0.49 -14.31 -14.16
N PRO A 585 -0.79 -14.46 -14.49
CA PRO A 585 -1.82 -13.68 -13.79
C PRO A 585 -1.81 -14.01 -12.30
N LEU A 586 -1.96 -12.98 -11.48
CA LEU A 586 -1.93 -13.12 -10.03
C LEU A 586 -3.22 -12.57 -9.44
N ILE A 587 -3.97 -13.43 -8.76
CA ILE A 587 -5.21 -13.08 -8.09
C ILE A 587 -4.98 -13.21 -6.59
N TYR A 588 -5.38 -12.20 -5.83
CA TYR A 588 -4.82 -11.98 -4.49
C TYR A 588 -5.90 -11.53 -3.52
N PRO A 589 -6.58 -12.46 -2.87
CA PRO A 589 -7.48 -12.09 -1.77
C PRO A 589 -6.70 -11.33 -0.70
N PHE A 590 -7.25 -10.20 -0.26
CA PHE A 590 -6.47 -9.27 0.54
C PHE A 590 -7.35 -8.51 1.51
N LEU A 591 -6.86 -8.36 2.74
CA LEU A 591 -7.62 -7.69 3.78
C LEU A 591 -7.90 -6.23 3.42
N VAL A 592 -9.15 -5.81 3.57
CA VAL A 592 -9.58 -4.50 3.08
C VAL A 592 -8.90 -3.35 3.81
N ASN A 593 -8.56 -3.52 5.09
CA ASN A 593 -7.96 -2.43 5.86
C ASN A 593 -6.44 -2.49 5.89
N ASP A 594 -5.81 -3.20 4.95
CA ASP A 594 -4.36 -3.18 4.76
C ASP A 594 -4.04 -2.64 3.36
N PRO A 595 -4.35 -1.36 3.10
CA PRO A 595 -4.19 -0.84 1.73
C PRO A 595 -2.76 -0.82 1.24
N GLY A 596 -1.79 -0.49 2.10
CA GLY A 596 -0.42 -0.37 1.64
C GLY A 596 0.15 -1.69 1.15
N GLU A 597 -0.05 -2.75 1.93
CA GLU A 597 0.51 -4.04 1.54
C GLU A 597 -0.18 -4.59 0.28
N GLY A 598 -1.50 -4.37 0.16
CA GLY A 598 -2.18 -4.80 -1.05
C GLY A 598 -1.72 -4.01 -2.27
N THR A 599 -1.48 -2.71 -2.09
CA THR A 599 -1.04 -1.87 -3.19
C THR A 599 0.33 -2.32 -3.70
N GLN A 600 1.20 -2.78 -2.82
CA GLN A 600 2.52 -3.24 -3.25
C GLN A 600 2.40 -4.43 -4.19
N ALA A 601 1.47 -5.34 -3.91
CA ALA A 601 1.23 -6.45 -4.81
C ALA A 601 0.65 -5.98 -6.14
N LYS A 602 -0.23 -4.98 -6.09
CA LYS A 602 -0.80 -4.43 -7.32
C LYS A 602 0.29 -3.87 -8.23
N ARG A 603 1.30 -3.22 -7.65
CA ARG A 603 2.25 -2.44 -8.43
C ARG A 603 3.53 -3.18 -8.76
N ARG A 604 3.99 -4.09 -7.91
CA ARG A 604 5.22 -4.83 -8.18
C ARG A 604 4.98 -6.26 -8.67
N ALA A 605 3.72 -6.71 -8.69
CA ALA A 605 3.43 -8.06 -9.16
C ALA A 605 2.11 -8.11 -9.93
N HIS A 606 1.73 -6.99 -10.56
CA HIS A 606 0.50 -6.81 -11.35
C HIS A 606 -0.71 -7.55 -10.77
N ALA A 607 -0.85 -7.54 -9.45
CA ALA A 607 -1.88 -8.35 -8.82
C ALA A 607 -3.28 -7.78 -9.07
N VAL A 608 -4.24 -8.67 -9.23
CA VAL A 608 -5.66 -8.34 -9.15
C VAL A 608 -6.13 -8.72 -7.75
N LEU A 609 -6.34 -7.73 -6.90
CA LEU A 609 -6.82 -8.00 -5.55
C LEU A 609 -8.30 -8.34 -5.57
N VAL A 610 -8.70 -9.21 -4.64
CA VAL A 610 -10.11 -9.41 -4.30
C VAL A 610 -10.19 -9.18 -2.80
N ASP A 611 -10.55 -7.98 -2.38
CA ASP A 611 -10.40 -7.71 -0.97
C ASP A 611 -11.48 -8.41 -0.16
N HIS A 612 -11.18 -8.65 1.12
CA HIS A 612 -12.07 -9.42 1.97
C HIS A 612 -12.31 -8.69 3.29
N LEU A 613 -13.38 -9.11 3.96
CA LEU A 613 -13.86 -8.43 5.14
C LEU A 613 -12.86 -8.57 6.30
N ILE A 614 -12.94 -7.60 7.21
CA ILE A 614 -12.19 -7.64 8.47
C ILE A 614 -12.71 -8.83 9.30
N PRO A 615 -11.94 -9.32 10.26
CA PRO A 615 -12.45 -10.37 11.14
C PRO A 615 -13.67 -9.90 11.91
N PRO A 616 -14.50 -10.81 12.41
CA PRO A 616 -15.59 -10.40 13.28
C PRO A 616 -15.02 -9.71 14.52
N MET A 617 -15.72 -8.65 14.96
CA MET A 617 -15.29 -7.82 16.07
C MET A 617 -16.37 -7.81 17.15
N ALA A 618 -15.92 -7.64 18.40
CA ALA A 618 -16.84 -7.53 19.54
C ALA A 618 -16.13 -6.81 20.67
N ARG A 619 -16.93 -6.30 21.61
CA ARG A 619 -16.37 -5.60 22.76
C ARG A 619 -15.55 -6.57 23.61
N ALA A 620 -14.45 -6.06 24.18
CA ALA A 620 -13.56 -6.93 24.95
C ALA A 620 -14.23 -7.43 26.22
N GLU A 621 -15.02 -6.58 26.88
CA GLU A 621 -15.71 -6.88 28.14
C GLU A 621 -14.72 -7.18 29.26
N THR A 622 -15.24 -7.52 30.45
CA THR A 622 -14.40 -7.80 31.60
C THR A 622 -14.50 -9.26 32.00
N TYR A 623 -13.50 -9.70 32.77
CA TYR A 623 -13.39 -11.07 33.21
C TYR A 623 -12.48 -11.10 34.43
N GLY A 624 -12.59 -12.19 35.20
CA GLY A 624 -11.68 -12.42 36.31
C GLY A 624 -11.58 -11.24 37.25
N ASP A 625 -10.34 -10.90 37.65
CA ASP A 625 -10.15 -9.86 38.64
C ASP A 625 -10.43 -8.46 38.10
N ILE A 626 -10.41 -8.29 36.77
CA ILE A 626 -10.86 -7.03 36.19
C ILE A 626 -12.34 -6.83 36.45
N ALA A 627 -13.14 -7.90 36.27
CA ALA A 627 -14.56 -7.82 36.58
C ALA A 627 -14.80 -7.62 38.07
N ARG A 628 -13.99 -8.27 38.91
CA ARG A 628 -14.12 -8.08 40.36
C ARG A 628 -13.80 -6.63 40.74
N LEU A 629 -12.80 -6.03 40.10
CA LEU A 629 -12.48 -4.63 40.38
C LEU A 629 -13.64 -3.72 40.02
N GLU A 630 -14.27 -3.98 38.88
CA GLU A 630 -15.48 -3.25 38.49
C GLU A 630 -16.52 -3.27 39.61
N GLN A 631 -16.72 -4.43 40.23
CA GLN A 631 -17.70 -4.54 41.30
CA GLN A 631 -17.70 -4.55 41.31
C GLN A 631 -17.28 -3.72 42.52
N LEU A 632 -15.99 -3.75 42.87
CA LEU A 632 -15.53 -2.99 44.03
C LEU A 632 -15.61 -1.49 43.77
N LEU A 633 -15.34 -1.05 42.54
CA LEU A 633 -15.46 0.37 42.21
C LEU A 633 -16.90 0.85 42.38
N ASP A 634 -17.87 0.06 41.92
CA ASP A 634 -19.27 0.42 42.13
C ASP A 634 -19.59 0.51 43.62
N GLU A 635 -19.10 -0.45 44.41
CA GLU A 635 -19.31 -0.39 45.85
C GLU A 635 -18.64 0.84 46.46
N HIS A 636 -17.46 1.20 45.97
CA HIS A 636 -16.80 2.40 46.46
C HIS A 636 -17.64 3.64 46.21
N ALA A 637 -18.26 3.73 45.03
CA ALA A 637 -19.10 4.89 44.73
C ALA A 637 -20.29 4.96 45.66
N SER A 638 -20.87 3.81 46.02
CA SER A 638 -22.00 3.79 46.94
CA SER A 638 -22.00 3.79 46.94
C SER A 638 -21.57 4.21 48.33
N VAL A 639 -20.43 3.70 48.80
CA VAL A 639 -19.94 4.06 50.14
C VAL A 639 -19.62 5.56 50.20
N ALA A 640 -19.03 6.09 49.13
CA ALA A 640 -18.67 7.50 49.11
C ALA A 640 -19.91 8.38 49.28
N ALA A 641 -21.02 7.98 48.66
CA ALA A 641 -22.23 8.80 48.71
C ALA A 641 -23.09 8.53 49.94
N LEU A 642 -22.95 7.36 50.56
CA LEU A 642 -23.86 6.96 51.63
C LEU A 642 -23.20 6.73 52.99
N ASP A 643 -21.90 6.46 53.03
CA ASP A 643 -21.22 6.16 54.30
C ASP A 643 -19.74 6.48 54.14
N PRO A 644 -19.40 7.77 54.01
CA PRO A 644 -18.00 8.14 53.72
C PRO A 644 -16.99 7.69 54.77
N GLY A 645 -17.43 7.41 55.99
CA GLY A 645 -16.51 6.88 56.98
C GLY A 645 -16.03 5.48 56.71
N LYS A 646 -16.79 4.71 55.93
CA LYS A 646 -16.41 3.35 55.55
C LYS A 646 -15.48 3.32 54.35
N LEU A 647 -15.22 4.46 53.72
CA LEU A 647 -14.33 4.50 52.56
C LEU A 647 -12.97 3.85 52.79
N PRO A 648 -12.29 4.04 53.93
CA PRO A 648 -10.99 3.35 54.10
C PRO A 648 -11.08 1.84 53.96
N ALA A 649 -12.17 1.22 54.40
CA ALA A 649 -12.28 -0.24 54.32
C ALA A 649 -12.39 -0.70 52.87
N ILE A 650 -13.23 -0.05 52.08
CA ILE A 650 -13.37 -0.45 50.67
C ILE A 650 -12.13 -0.06 49.88
N ARG A 651 -11.46 1.04 50.27
CA ARG A 651 -10.19 1.39 49.64
C ARG A 651 -9.15 0.29 49.85
N GLN A 652 -9.12 -0.29 51.05
CA GLN A 652 -8.17 -1.38 51.32
C GLN A 652 -8.49 -2.60 50.47
N GLN A 653 -9.77 -2.93 50.32
CA GLN A 653 -10.16 -4.04 49.46
C GLN A 653 -9.69 -3.81 48.03
N ILE A 654 -9.87 -2.59 47.52
CA ILE A 654 -9.48 -2.28 46.15
C ILE A 654 -7.97 -2.35 46.00
N TRP A 655 -7.24 -1.80 46.97
CA TRP A 655 -5.78 -1.83 46.88
C TRP A 655 -5.25 -3.25 46.97
N THR A 656 -5.83 -4.06 47.85
CA THR A 656 -5.45 -5.47 47.93
C THR A 656 -5.66 -6.17 46.59
N LEU A 657 -6.80 -5.93 45.95
CA LEU A 657 -7.06 -6.54 44.64
C LEU A 657 -6.08 -6.05 43.60
N ILE A 658 -5.86 -4.73 43.54
CA ILE A 658 -4.94 -4.16 42.55
C ILE A 658 -3.54 -4.76 42.71
N ARG A 659 -3.06 -4.86 43.95
CA ARG A 659 -1.74 -5.41 44.19
C ARG A 659 -1.70 -6.90 43.88
N ALA A 660 -2.73 -7.65 44.31
CA ALA A 660 -2.74 -9.10 44.12
C ALA A 660 -2.80 -9.47 42.65
N ALA A 661 -3.51 -8.69 41.85
CA ALA A 661 -3.67 -8.97 40.42
C ALA A 661 -2.60 -8.31 39.56
N LYS A 662 -1.63 -7.64 40.16
CA LYS A 662 -0.54 -6.94 39.47
C LYS A 662 -1.04 -5.77 38.63
N MET A 663 -2.23 -5.24 38.94
CA MET A 663 -2.73 -4.11 38.17
C MET A 663 -1.99 -2.82 38.46
N ASP A 664 -1.20 -2.77 39.54
CA ASP A 664 -0.33 -1.62 39.76
C ASP A 664 0.69 -1.47 38.65
N HIS A 665 0.99 -2.55 37.92
CA HIS A 665 1.82 -2.43 36.73
C HIS A 665 1.06 -1.75 35.60
N ASP A 666 -0.17 -2.21 35.33
CA ASP A 666 -1.02 -1.57 34.33
C ASP A 666 -1.20 -0.09 34.63
N LEU A 667 -1.37 0.25 35.90
CA LEU A 667 -1.73 1.60 36.32
C LEU A 667 -0.53 2.48 36.62
N GLY A 668 0.69 1.95 36.51
CA GLY A 668 1.87 2.75 36.77
C GLY A 668 1.97 3.26 38.19
N LEU A 669 1.59 2.43 39.16
CA LEU A 669 1.58 2.82 40.56
C LEU A 669 2.77 2.17 41.26
N THR A 670 3.78 2.99 41.59
CA THR A 670 4.95 2.51 42.30
C THR A 670 4.71 2.36 43.79
N GLU A 671 3.66 2.99 44.33
CA GLU A 671 3.37 2.94 45.75
C GLU A 671 1.89 3.19 45.93
N ARG A 672 1.41 2.94 47.14
CA ARG A 672 0.02 3.22 47.47
C ARG A 672 -0.19 4.72 47.60
N PRO A 673 -1.21 5.30 46.98
CA PRO A 673 -1.48 6.72 47.15
C PRO A 673 -1.83 7.03 48.60
N GLU A 674 -1.58 8.27 49.01
CA GLU A 674 -2.07 8.73 50.30
C GLU A 674 -3.59 8.62 50.34
N GLU A 675 -4.12 8.53 51.56
CA GLU A 675 -5.55 8.29 51.74
C GLU A 675 -6.39 9.39 51.09
N ASP A 676 -5.93 10.64 51.19
CA ASP A 676 -6.68 11.76 50.61
C ASP A 676 -6.36 11.98 49.14
N SER A 677 -5.52 11.14 48.53
CA SER A 677 -5.33 11.10 47.09
C SER A 677 -5.83 9.80 46.48
N PHE A 678 -6.36 8.88 47.30
CA PHE A 678 -6.73 7.56 46.80
C PHE A 678 -7.92 7.61 45.85
N ASP A 679 -8.94 8.41 46.18
CA ASP A 679 -10.12 8.48 45.34
C ASP A 679 -9.83 9.12 44.00
N ASP A 680 -8.89 10.07 43.95
CA ASP A 680 -8.46 10.62 42.67
C ASP A 680 -7.77 9.56 41.83
N MET A 681 -6.99 8.69 42.46
CA MET A 681 -6.37 7.58 41.75
C MET A 681 -7.42 6.65 41.17
N LEU A 682 -8.55 6.46 41.86
CA LEU A 682 -9.59 5.58 41.36
C LEU A 682 -10.28 6.15 40.14
N LEU A 683 -10.29 7.48 39.99
CA LEU A 683 -10.79 8.07 38.76
C LEU A 683 -9.94 7.65 37.57
N HIS A 684 -8.62 7.49 37.78
CA HIS A 684 -7.76 6.96 36.73
C HIS A 684 -8.05 5.48 36.48
N VAL A 685 -8.30 4.72 37.54
CA VAL A 685 -8.67 3.32 37.39
C VAL A 685 -9.98 3.20 36.63
N ASP A 686 -10.94 4.07 36.94
CA ASP A 686 -12.22 4.09 36.23
C ASP A 686 -12.02 4.23 34.72
N GLY A 687 -11.21 5.19 34.30
CA GLY A 687 -10.97 5.38 32.88
C GLY A 687 -10.24 4.21 32.25
N TRP A 688 -9.26 3.65 32.97
CA TRP A 688 -8.52 2.51 32.45
C TRP A 688 -9.42 1.30 32.29
N LEU A 689 -10.19 0.97 33.33
CA LEU A 689 -11.13 -0.15 33.24
C LEU A 689 -12.13 0.06 32.12
N CYS A 690 -12.66 1.27 31.99
CA CYS A 690 -13.62 1.56 30.93
C CYS A 690 -13.02 1.31 29.55
N GLU A 691 -11.77 1.72 29.34
CA GLU A 691 -11.18 1.64 28.01
C GLU A 691 -10.83 0.19 27.63
N ILE A 692 -10.32 -0.60 28.58
CA ILE A 692 -9.99 -1.98 28.24
C ILE A 692 -11.24 -2.84 28.15
N LYS A 693 -12.33 -2.44 28.80
CA LYS A 693 -13.59 -3.17 28.67
C LYS A 693 -14.29 -2.83 27.37
N ASP A 694 -14.20 -1.57 26.93
CA ASP A 694 -14.98 -1.06 25.82
C ASP A 694 -14.31 -1.25 24.46
N VAL A 695 -13.01 -1.51 24.43
CA VAL A 695 -12.29 -1.56 23.16
C VAL A 695 -12.79 -2.74 22.32
N GLN A 696 -12.82 -2.54 21.00
CA GLN A 696 -13.18 -3.61 20.09
C GLN A 696 -11.98 -4.52 19.86
N ILE A 697 -12.20 -5.83 19.94
CA ILE A 697 -11.18 -6.82 19.62
C ILE A 697 -11.79 -7.83 18.67
N ARG A 698 -10.94 -8.59 17.98
N ARG A 698 -10.92 -8.59 18.00
CA ARG A 698 -11.47 -9.59 17.07
CA ARG A 698 -11.34 -9.70 17.18
C ARG A 698 -12.08 -10.75 17.86
C ARG A 698 -12.19 -10.68 17.99
N ASP A 699 -13.18 -11.27 17.33
CA ASP A 699 -14.00 -12.30 17.95
C ASP A 699 -14.08 -13.53 17.05
N GLY A 700 -12.99 -13.80 16.35
CA GLY A 700 -12.90 -14.85 15.37
C GLY A 700 -12.01 -14.40 14.23
N LEU A 701 -12.00 -15.18 13.16
CA LEU A 701 -11.27 -14.84 11.95
C LEU A 701 -12.23 -14.88 10.77
N HIS A 702 -11.92 -14.07 9.75
CA HIS A 702 -12.77 -14.05 8.57
C HIS A 702 -12.54 -15.28 7.73
N ILE A 703 -13.62 -15.82 7.18
CA ILE A 703 -13.56 -16.90 6.19
C ILE A 703 -14.04 -16.33 4.85
N LEU A 704 -13.23 -16.51 3.82
CA LEU A 704 -13.51 -15.93 2.51
C LEU A 704 -14.91 -16.28 2.05
N GLY A 705 -15.68 -15.26 1.69
CA GLY A 705 -17.02 -15.43 1.18
C GLY A 705 -18.10 -15.61 2.22
N GLN A 706 -17.77 -15.56 3.51
CA GLN A 706 -18.71 -15.83 4.59
C GLN A 706 -19.08 -14.52 5.27
N ASN A 707 -20.25 -13.98 4.92
CA ASN A 707 -20.70 -12.75 5.55
CA ASN A 707 -20.70 -12.75 5.55
C ASN A 707 -21.23 -13.05 6.95
N PRO A 708 -20.92 -12.21 7.94
CA PRO A 708 -21.38 -12.46 9.31
C PRO A 708 -22.90 -12.42 9.41
N THR A 709 -23.43 -13.26 10.29
CA THR A 709 -24.86 -13.37 10.54
C THR A 709 -25.10 -13.41 12.04
N GLY A 710 -26.36 -13.24 12.41
CA GLY A 710 -26.76 -13.42 13.80
C GLY A 710 -26.02 -12.50 14.75
N GLU A 711 -25.54 -13.06 15.85
CA GLU A 711 -24.88 -12.25 16.87
C GLU A 711 -23.59 -11.63 16.36
N GLN A 712 -22.89 -12.32 15.45
CA GLN A 712 -21.67 -11.76 14.88
C GLN A 712 -21.98 -10.56 13.99
N GLU A 713 -23.11 -10.61 13.27
CA GLU A 713 -23.54 -9.45 12.50
C GLU A 713 -23.91 -8.30 13.42
N LEU A 714 -24.59 -8.59 14.53
CA LEU A 714 -24.96 -7.55 15.48
C LEU A 714 -23.75 -6.87 16.07
N ASP A 715 -22.77 -7.65 16.54
CA ASP A 715 -21.57 -7.07 17.13
C ASP A 715 -20.78 -6.26 16.12
N LEU A 716 -20.65 -6.76 14.88
CA LEU A 716 -19.89 -6.04 13.88
C LEU A 716 -20.57 -4.73 13.49
N VAL A 717 -21.89 -4.76 13.30
CA VAL A 717 -22.62 -3.53 12.98
C VAL A 717 -22.49 -2.54 14.12
N LEU A 718 -22.62 -3.00 15.37
CA LEU A 718 -22.43 -2.13 16.53
C LEU A 718 -21.06 -1.46 16.50
N ALA A 719 -20.02 -2.22 16.18
CA ALA A 719 -18.68 -1.65 16.14
C ALA A 719 -18.56 -0.62 15.02
N ILE A 720 -19.15 -0.90 13.87
CA ILE A 720 -19.09 0.04 12.74
C ILE A 720 -19.81 1.33 13.09
N LEU A 721 -20.97 1.23 13.73
CA LEU A 721 -21.79 2.39 14.04
C LEU A 721 -21.25 3.23 15.18
N ARG A 722 -20.28 2.73 15.94
CA ARG A 722 -19.77 3.50 17.07
C ARG A 722 -19.04 4.76 16.61
N ALA A 723 -18.43 4.72 15.44
CA ALA A 723 -17.64 5.85 14.96
C ALA A 723 -18.51 6.89 14.29
N ARG A 724 -18.06 8.14 14.34
CA ARG A 724 -18.66 9.17 13.52
CA ARG A 724 -18.65 9.18 13.52
C ARG A 724 -18.37 8.86 12.05
N GLN A 725 -19.40 8.96 11.21
CA GLN A 725 -19.28 8.50 9.84
C GLN A 725 -18.78 9.61 8.93
N LEU A 726 -17.70 9.33 8.21
CA LEU A 726 -17.31 10.10 7.04
C LEU A 726 -17.92 9.41 5.83
N PHE A 727 -18.98 10.00 5.28
CA PHE A 727 -19.74 9.37 4.20
C PHE A 727 -20.09 10.42 3.17
N GLY A 728 -19.81 10.14 1.90
CA GLY A 728 -19.97 11.15 0.88
C GLY A 728 -19.16 12.39 1.13
N GLY A 729 -18.03 12.27 1.81
CA GLY A 729 -17.21 13.41 2.14
C GLY A 729 -17.76 14.32 3.22
N ALA A 730 -18.82 13.89 3.92
CA ALA A 730 -19.47 14.71 4.93
C ALA A 730 -19.56 13.98 6.25
N HIS A 731 -19.74 14.75 7.32
CA HIS A 731 -19.90 14.23 8.68
C HIS A 731 -21.35 14.33 9.13
N ALA A 732 -22.27 13.71 8.39
CA ALA A 732 -23.69 13.89 8.66
C ALA A 732 -24.26 12.89 9.66
N ILE A 733 -23.74 11.67 9.71
CA ILE A 733 -24.24 10.64 10.61
C ILE A 733 -23.29 10.52 11.80
N PRO A 734 -23.75 10.72 13.03
CA PRO A 734 -22.88 10.59 14.18
C PRO A 734 -22.72 9.13 14.59
N GLY A 735 -21.88 8.89 15.59
CA GLY A 735 -21.83 7.58 16.21
C GLY A 735 -23.14 7.26 16.91
N LEU A 736 -23.44 5.96 16.99
CA LEU A 736 -24.69 5.54 17.60
C LEU A 736 -24.76 5.95 19.06
N ARG A 737 -23.67 5.74 19.81
CA ARG A 737 -23.68 6.12 21.22
C ARG A 737 -23.55 7.63 21.39
N GLN A 738 -22.97 8.32 20.40
CA GLN A 738 -23.01 9.78 20.40
C GLN A 738 -24.44 10.29 20.29
N ALA A 739 -25.19 9.75 19.33
CA ALA A 739 -26.59 10.12 19.17
C ALA A 739 -27.41 9.75 20.40
N LEU A 740 -26.92 8.82 21.21
CA LEU A 740 -27.60 8.42 22.44
C LEU A 740 -27.08 9.17 23.67
N GLY A 741 -26.12 10.08 23.51
CA GLY A 741 -25.71 10.90 24.63
C GLY A 741 -24.21 10.95 24.93
N LEU A 742 -23.45 9.95 24.50
CA LEU A 742 -22.03 9.90 24.84
C LEU A 742 -21.24 10.90 24.01
N ALA A 743 -20.14 11.39 24.60
CA ALA A 743 -19.26 12.31 23.88
C ALA A 743 -18.27 11.56 23.00
N GLU A 744 -17.83 10.38 23.44
CA GLU A 744 -16.84 9.55 22.75
C GLU A 744 -15.53 10.29 22.51
N ASP A 745 -15.22 11.28 23.33
CA ASP A 745 -13.99 12.07 23.20
C ASP A 745 -12.94 11.67 24.23
N GLY A 746 -13.18 10.63 25.00
CA GLY A 746 -12.28 10.19 26.05
C GLY A 746 -12.64 10.67 27.43
N THR A 747 -13.73 11.42 27.59
CA THR A 747 -14.12 11.97 28.88
C THR A 747 -15.41 11.37 29.41
N ASP A 748 -16.00 10.39 28.73
CA ASP A 748 -17.24 9.80 29.18
C ASP A 748 -17.01 8.94 30.42
N GLU A 749 -17.93 9.03 31.38
CA GLU A 749 -17.80 8.31 32.63
C GLU A 749 -18.04 6.81 32.40
N ARG A 750 -17.33 5.99 33.19
CA ARG A 750 -17.35 4.55 32.98
C ARG A 750 -18.76 3.97 33.06
N ALA A 751 -19.54 4.40 34.03
CA ALA A 751 -20.87 3.81 34.23
C ALA A 751 -21.81 4.13 33.08
N THR A 752 -21.75 5.36 32.56
CA THR A 752 -22.68 5.75 31.51
C THR A 752 -22.30 5.14 30.16
N VAL A 753 -21.02 4.84 29.96
CA VAL A 753 -20.62 4.13 28.74
C VAL A 753 -21.29 2.77 28.67
N ASP A 754 -21.32 2.05 29.79
CA ASP A 754 -21.94 0.72 29.80
C ASP A 754 -23.44 0.81 29.55
N GLN A 755 -24.10 1.81 30.14
CA GLN A 755 -25.54 1.94 29.96
C GLN A 755 -25.88 2.34 28.52
N THR A 756 -25.08 3.24 27.93
CA THR A 756 -25.33 3.63 26.55
C THR A 756 -25.04 2.49 25.58
N GLU A 757 -24.00 1.70 25.86
CA GLU A 757 -23.71 0.53 25.03
C GLU A 757 -24.86 -0.46 25.08
N ALA A 758 -25.43 -0.68 26.26
CA ALA A 758 -26.58 -1.57 26.36
C ALA A 758 -27.77 -1.03 25.59
N LYS A 759 -27.99 0.29 25.64
CA LYS A 759 -29.07 0.89 24.87
C LYS A 759 -28.81 0.76 23.37
N ALA A 760 -27.57 1.02 22.95
CA ALA A 760 -27.22 0.87 21.54
C ALA A 760 -27.38 -0.56 21.06
N ARG A 761 -26.93 -1.53 21.86
CA ARG A 761 -27.09 -2.93 21.49
C ARG A 761 -28.56 -3.30 21.39
N GLU A 762 -29.39 -2.75 22.28
CA GLU A 762 -30.82 -3.04 22.24
C GLU A 762 -31.45 -2.54 20.95
N LEU A 763 -31.10 -1.32 20.53
CA LEU A 763 -31.67 -0.75 19.31
C LEU A 763 -31.25 -1.54 18.07
N VAL A 764 -29.96 -1.85 17.96
CA VAL A 764 -29.48 -2.55 16.77
C VAL A 764 -30.04 -3.98 16.72
N ALA A 765 -30.15 -4.62 17.89
CA ALA A 765 -30.74 -5.96 17.93
C ALA A 765 -32.20 -5.93 17.51
N ALA A 766 -32.92 -4.86 17.85
CA ALA A 766 -34.30 -4.72 17.42
C ALA A 766 -34.39 -4.47 15.92
N LEU A 767 -33.51 -3.61 15.40
CA LEU A 767 -33.47 -3.38 13.96
C LEU A 767 -33.14 -4.66 13.20
N GLN A 768 -32.20 -5.44 13.72
CA GLN A 768 -31.87 -6.72 13.11
C GLN A 768 -33.09 -7.65 13.10
N ALA A 769 -33.89 -7.61 14.16
CA ALA A 769 -35.06 -8.49 14.25
C ALA A 769 -36.11 -8.16 13.21
N THR A 770 -36.12 -6.95 12.67
CA THR A 770 -37.04 -6.58 11.61
C THR A 770 -36.50 -6.90 10.23
N GLY A 771 -35.37 -7.59 10.14
CA GLY A 771 -34.71 -7.77 8.85
C GLY A 771 -34.04 -6.51 8.36
N TRP A 772 -33.55 -5.67 9.27
CA TRP A 772 -32.88 -4.41 8.93
C TRP A 772 -33.78 -3.52 8.06
N ASP A 773 -35.04 -3.41 8.46
CA ASP A 773 -36.00 -2.57 7.76
C ASP A 773 -35.70 -1.10 8.02
N PRO A 774 -35.39 -0.30 7.00
CA PRO A 774 -35.07 1.11 7.25
C PRO A 774 -36.22 1.89 7.87
N SER A 775 -37.47 1.56 7.52
CA SER A 775 -38.61 2.28 8.07
C SER A 775 -38.81 1.99 9.55
N ALA A 776 -38.26 0.88 10.05
CA ALA A 776 -38.40 0.56 11.47
C ALA A 776 -37.60 1.49 12.38
N ALA A 777 -36.72 2.31 11.82
CA ALA A 777 -35.85 3.15 12.65
C ALA A 777 -36.65 4.13 13.48
N ASP A 778 -37.48 4.95 12.82
CA ASP A 778 -38.29 5.92 13.54
C ASP A 778 -39.22 5.26 14.55
N ARG A 779 -39.68 4.05 14.25
CA ARG A 779 -40.54 3.35 15.18
C ARG A 779 -39.77 2.73 16.35
N LEU A 780 -38.45 2.56 16.21
CA LEU A 780 -37.66 1.98 17.28
C LEU A 780 -37.17 3.00 18.30
N THR A 781 -37.13 4.28 17.96
CA THR A 781 -36.63 5.27 18.88
C THR A 781 -37.24 6.64 18.57
N GLY A 782 -37.58 7.38 19.62
CA GLY A 782 -37.97 8.76 19.50
C GLY A 782 -36.81 9.72 19.37
N ASN A 783 -35.59 9.20 19.44
CA ASN A 783 -34.38 9.98 19.25
C ASN A 783 -34.14 10.15 17.75
N ALA A 784 -34.28 11.39 17.27
CA ALA A 784 -34.15 11.64 15.83
C ALA A 784 -32.74 11.30 15.34
N ASP A 785 -31.72 11.67 16.11
CA ASP A 785 -30.35 11.37 15.71
C ASP A 785 -30.10 9.88 15.69
N ALA A 786 -30.55 9.17 16.73
CA ALA A 786 -30.36 7.72 16.77
C ALA A 786 -31.11 7.04 15.64
N ALA A 787 -32.31 7.54 15.30
CA ALA A 787 -33.06 6.95 14.19
C ALA A 787 -32.34 7.16 12.86
N ALA A 788 -31.66 8.30 12.70
CA ALA A 788 -30.91 8.53 11.47
C ALA A 788 -29.73 7.57 11.36
N VAL A 789 -29.11 7.23 12.49
CA VAL A 789 -28.01 6.26 12.48
C VAL A 789 -28.53 4.87 12.13
N LEU A 790 -29.64 4.47 12.76
CA LEU A 790 -30.23 3.16 12.46
C LEU A 790 -30.64 3.07 11.00
N ARG A 791 -31.14 4.17 10.44
CA ARG A 791 -31.50 4.17 9.02
C ARG A 791 -30.26 4.05 8.14
N PHE A 792 -29.17 4.70 8.54
CA PHE A 792 -27.90 4.56 7.83
C PHE A 792 -27.41 3.12 7.88
N ALA A 793 -27.58 2.46 9.03
CA ALA A 793 -27.19 1.06 9.13
C ALA A 793 -27.99 0.19 8.17
N ALA A 794 -29.29 0.43 8.07
CA ALA A 794 -30.13 -0.41 7.23
C ALA A 794 -29.95 -0.08 5.75
N THR A 795 -29.69 1.18 5.41
CA THR A 795 -29.58 1.61 4.02
C THR A 795 -28.19 1.37 3.43
N GLU A 796 -27.14 1.59 4.22
CA GLU A 796 -25.77 1.51 3.70
C GLU A 796 -24.96 0.36 4.29
N VAL A 797 -24.88 0.26 5.62
CA VAL A 797 -24.00 -0.71 6.25
C VAL A 797 -24.40 -2.14 5.87
N ILE A 798 -25.67 -2.48 6.11
CA ILE A 798 -26.12 -3.86 5.88
C ILE A 798 -26.01 -4.27 4.42
N PRO A 799 -26.52 -3.50 3.45
CA PRO A 799 -26.37 -3.93 2.04
C PRO A 799 -24.93 -4.05 1.61
N ARG A 800 -24.05 -3.17 2.10
CA ARG A 800 -22.65 -3.25 1.71
C ARG A 800 -21.96 -4.43 2.39
N LEU A 801 -22.27 -4.69 3.66
CA LEU A 801 -21.76 -5.89 4.32
C LEU A 801 -22.17 -7.15 3.56
N ALA A 802 -23.38 -7.15 2.99
CA ALA A 802 -23.85 -8.31 2.25
C ALA A 802 -22.96 -8.66 1.07
N GLY A 803 -22.19 -7.70 0.56
CA GLY A 803 -21.28 -7.97 -0.54
C GLY A 803 -20.17 -8.93 -0.19
N THR A 804 -19.93 -9.17 1.11
CA THR A 804 -18.90 -10.12 1.54
C THR A 804 -19.16 -11.51 0.98
N ALA A 805 -20.43 -11.88 0.80
CA ALA A 805 -20.76 -13.20 0.27
C ALA A 805 -20.34 -13.39 -1.17
N THR A 806 -19.86 -12.35 -1.85
CA THR A 806 -19.40 -12.46 -3.24
C THR A 806 -17.89 -12.60 -3.37
N GLU A 807 -17.17 -12.70 -2.26
CA GLU A 807 -15.70 -12.69 -2.32
C GLU A 807 -15.17 -13.86 -3.11
N ILE A 808 -15.70 -15.06 -2.88
CA ILE A 808 -15.22 -16.22 -3.61
C ILE A 808 -15.70 -16.17 -5.05
N GLU A 809 -16.91 -15.69 -5.28
CA GLU A 809 -17.40 -15.52 -6.65
C GLU A 809 -16.49 -14.59 -7.44
N GLN A 810 -15.96 -13.54 -6.79
CA GLN A 810 -15.09 -12.61 -7.51
C GLN A 810 -13.72 -13.22 -7.79
N VAL A 811 -13.25 -14.13 -6.93
CA VAL A 811 -12.04 -14.89 -7.26
C VAL A 811 -12.28 -15.75 -8.50
N LEU A 812 -13.45 -16.38 -8.57
CA LEU A 812 -13.79 -17.17 -9.76
C LEU A 812 -13.94 -16.30 -10.99
N ARG A 813 -14.53 -15.11 -10.85
CA ARG A 813 -14.61 -14.19 -11.98
C ARG A 813 -13.22 -13.79 -12.45
N ALA A 814 -12.30 -13.53 -11.51
CA ALA A 814 -10.95 -13.15 -11.88
C ALA A 814 -10.23 -14.28 -12.59
N LEU A 815 -10.44 -15.52 -12.13
CA LEU A 815 -9.88 -16.69 -12.80
C LEU A 815 -10.44 -16.85 -14.21
N ASP A 816 -11.61 -16.26 -14.47
CA ASP A 816 -12.23 -16.25 -15.78
C ASP A 816 -11.86 -15.04 -16.61
N GLY A 817 -10.95 -14.21 -16.11
CA GLY A 817 -10.53 -13.04 -16.87
C GLY A 817 -11.58 -11.97 -17.01
N ARG A 818 -12.48 -11.85 -16.05
CA ARG A 818 -13.49 -10.80 -16.09
C ARG A 818 -12.97 -9.56 -15.36
N PHE A 819 -13.64 -8.44 -15.61
CA PHE A 819 -13.25 -7.20 -14.94
C PHE A 819 -13.68 -7.24 -13.48
N ILE A 820 -12.73 -6.99 -12.58
CA ILE A 820 -12.98 -6.98 -11.15
C ILE A 820 -13.17 -5.53 -10.70
N PRO A 821 -14.35 -5.14 -10.24
CA PRO A 821 -14.59 -3.73 -9.91
C PRO A 821 -13.69 -3.26 -8.78
N ALA A 822 -13.31 -2.00 -8.83
CA ALA A 822 -12.47 -1.39 -7.82
C ALA A 822 -13.32 -0.70 -6.75
N GLY A 823 -12.69 -0.39 -5.63
CA GLY A 823 -13.34 0.29 -4.53
C GLY A 823 -12.32 0.85 -3.56
N PRO A 824 -12.77 1.69 -2.64
CA PRO A 824 -11.85 2.27 -1.66
C PRO A 824 -11.38 1.22 -0.66
N SER A 825 -10.30 1.57 0.05
CA SER A 825 -9.71 0.70 1.07
C SER A 825 -9.58 1.47 2.37
N GLY A 826 -9.44 0.74 3.45
CA GLY A 826 -9.37 1.32 4.78
C GLY A 826 -10.20 0.50 5.75
N SER A 827 -10.36 1.04 6.96
CA SER A 827 -11.04 0.33 8.04
C SER A 827 -12.50 0.75 8.11
N PRO A 828 -13.45 -0.18 7.99
CA PRO A 828 -14.85 0.17 8.22
C PRO A 828 -15.19 0.46 9.68
N LEU A 829 -14.22 0.31 10.58
CA LEU A 829 -14.38 0.67 11.98
C LEU A 829 -13.98 2.11 12.27
N ARG A 830 -13.43 2.82 11.28
CA ARG A 830 -12.99 4.19 11.45
C ARG A 830 -13.90 5.17 10.70
N GLY A 831 -15.19 4.85 10.63
CA GLY A 831 -16.14 5.73 9.98
C GLY A 831 -16.03 5.79 8.48
N LEU A 832 -15.59 4.71 7.85
CA LEU A 832 -15.35 4.67 6.41
C LEU A 832 -16.15 3.51 5.81
N VAL A 833 -17.48 3.67 5.77
CA VAL A 833 -18.33 2.56 5.35
C VAL A 833 -18.16 2.27 3.86
N ASN A 834 -17.74 3.25 3.05
CA ASN A 834 -17.64 2.97 1.62
C ASN A 834 -16.47 2.07 1.25
N VAL A 835 -15.66 1.60 2.21
CA VAL A 835 -14.71 0.55 1.89
C VAL A 835 -15.43 -0.78 1.69
N LEU A 836 -16.67 -0.87 2.16
CA LEU A 836 -17.60 -1.95 1.89
C LEU A 836 -18.46 -1.60 0.68
N PRO A 837 -18.85 -2.58 -0.15
CA PRO A 837 -18.62 -4.02 -0.01
C PRO A 837 -17.19 -4.46 -0.32
N THR A 838 -16.83 -5.63 0.20
CA THR A 838 -15.56 -6.25 -0.16
C THR A 838 -15.74 -7.02 -1.47
N GLY A 839 -14.77 -7.85 -1.82
CA GLY A 839 -14.78 -8.50 -3.10
C GLY A 839 -14.34 -7.63 -4.25
N ARG A 840 -13.60 -6.56 -3.98
CA ARG A 840 -13.20 -5.58 -4.98
C ARG A 840 -11.68 -5.45 -5.02
N ASN A 841 -11.17 -5.02 -6.18
CA ASN A 841 -9.74 -4.77 -6.37
C ASN A 841 -9.46 -3.34 -5.95
N PHE A 842 -9.11 -3.15 -4.67
CA PHE A 842 -9.23 -1.82 -4.11
C PHE A 842 -8.15 -0.86 -4.62
N TYR A 843 -8.47 0.42 -4.56
CA TYR A 843 -7.50 1.50 -4.72
C TYR A 843 -7.32 2.18 -3.36
N SER A 844 -6.44 3.18 -3.32
CA SER A 844 -6.12 3.81 -2.05
C SER A 844 -6.41 5.31 -2.15
N VAL A 845 -5.39 6.15 -2.30
CA VAL A 845 -5.55 7.59 -2.16
C VAL A 845 -4.82 8.31 -3.29
N ASP A 846 -5.19 9.57 -3.49
CA ASP A 846 -4.42 10.47 -4.32
C ASP A 846 -3.14 10.81 -3.54
N PRO A 847 -1.97 10.35 -3.98
CA PRO A 847 -0.75 10.55 -3.17
C PRO A 847 -0.28 11.99 -3.11
N LYS A 848 -0.81 12.88 -3.96
CA LYS A 848 -0.51 14.30 -3.90
C LYS A 848 -1.49 15.08 -3.02
N ALA A 849 -2.45 14.39 -2.40
CA ALA A 849 -3.48 15.02 -1.58
C ALA A 849 -3.40 14.57 -0.13
N VAL A 850 -2.21 14.22 0.34
CA VAL A 850 -2.02 13.83 1.74
C VAL A 850 -0.94 14.72 2.34
N PRO A 851 -1.14 15.24 3.58
CA PRO A 851 -2.33 14.99 4.40
C PRO A 851 -3.56 15.78 3.95
N SER A 852 -4.73 15.16 4.11
CA SER A 852 -5.98 15.88 3.94
C SER A 852 -6.17 16.86 5.09
N ARG A 853 -7.19 17.71 4.96
CA ARG A 853 -7.50 18.64 6.04
C ARG A 853 -7.93 17.90 7.29
N LEU A 854 -8.67 16.80 7.14
CA LEU A 854 -9.04 15.99 8.31
C LEU A 854 -7.81 15.36 8.94
N ALA A 855 -6.89 14.87 8.12
CA ALA A 855 -5.66 14.29 8.66
C ALA A 855 -4.79 15.34 9.33
N TRP A 856 -4.79 16.58 8.80
CA TRP A 856 -4.08 17.66 9.46
C TRP A 856 -4.60 17.88 10.87
N GLU A 857 -5.93 17.85 11.04
N GLU A 857 -5.93 17.88 11.04
CA GLU A 857 -6.49 18.02 12.37
CA GLU A 857 -6.51 18.01 12.37
C GLU A 857 -6.08 16.90 13.31
C GLU A 857 -6.02 16.90 13.29
N ALA A 858 -5.99 15.67 12.79
CA ALA A 858 -5.56 14.54 13.63
C ALA A 858 -4.08 14.65 13.96
N GLY A 859 -3.25 15.01 12.99
CA GLY A 859 -1.82 15.11 13.24
C GLY A 859 -1.50 16.18 14.27
N VAL A 860 -2.19 17.32 14.23
CA VAL A 860 -2.02 18.35 15.24
C VAL A 860 -2.39 17.81 16.61
N ALA A 861 -3.51 17.08 16.69
CA ALA A 861 -3.92 16.48 17.96
C ALA A 861 -2.92 15.44 18.43
N LEU A 862 -2.39 14.63 17.51
CA LEU A 862 -1.34 13.67 17.89
C LEU A 862 -0.11 14.39 18.41
N ALA A 863 0.34 15.43 17.72
CA ALA A 863 1.48 16.21 18.18
C ALA A 863 1.22 16.83 19.54
N ASP A 864 0.07 17.52 19.69
CA ASP A 864 -0.25 18.16 20.96
C ASP A 864 -0.34 17.14 22.09
N SER A 865 -0.94 15.98 21.82
CA SER A 865 -1.11 14.97 22.85
C SER A 865 0.22 14.36 23.28
N LEU A 866 1.11 14.12 22.31
CA LEU A 866 2.44 13.59 22.63
C LEU A 866 3.23 14.58 23.48
N LEU A 867 3.20 15.86 23.09
CA LEU A 867 3.98 16.86 23.83
C LEU A 867 3.43 17.06 25.24
N ALA A 868 2.09 17.07 25.38
CA ALA A 868 1.49 17.22 26.70
C ALA A 868 1.90 16.07 27.62
N ARG A 869 1.88 14.84 27.10
CA ARG A 869 2.26 13.68 27.91
C ARG A 869 3.72 13.79 28.36
N TYR A 870 4.61 14.13 27.45
CA TYR A 870 6.04 14.20 27.79
C TYR A 870 6.29 15.30 28.82
N ARG A 871 5.72 16.48 28.59
CA ARG A 871 5.95 17.60 29.50
C ARG A 871 5.34 17.32 30.87
N ASP A 872 4.19 16.62 30.90
CA ASP A 872 3.60 16.24 32.18
C ASP A 872 4.53 15.35 32.99
N GLU A 873 5.26 14.46 32.31
CA GLU A 873 6.14 13.52 33.02
C GLU A 873 7.51 14.10 33.32
N HIS A 874 8.04 14.97 32.46
CA HIS A 874 9.42 15.44 32.60
C HIS A 874 9.55 16.93 32.87
N GLY A 875 8.46 17.70 32.82
CA GLY A 875 8.56 19.11 33.09
C GLY A 875 9.30 19.92 32.05
N ARG A 876 9.44 19.40 30.83
CA ARG A 876 10.15 20.10 29.77
C ARG A 876 9.73 19.50 28.43
N TRP A 877 9.97 20.24 27.36
CA TRP A 877 9.67 19.75 26.03
C TRP A 877 10.69 18.69 25.62
N PRO A 878 10.27 17.69 24.86
CA PRO A 878 11.25 16.77 24.26
C PRO A 878 12.04 17.48 23.17
N ARG A 879 13.36 17.26 23.17
CA ARG A 879 14.22 17.91 22.19
C ARG A 879 13.96 17.36 20.79
N SER A 880 13.61 16.08 20.68
CA SER A 880 13.40 15.44 19.39
C SER A 880 12.45 14.27 19.55
N VAL A 881 11.58 14.09 18.56
CA VAL A 881 10.67 12.96 18.49
C VAL A 881 11.08 12.09 17.32
N GLY A 882 11.22 10.79 17.56
CA GLY A 882 11.41 9.82 16.50
C GLY A 882 10.08 9.15 16.19
N LEU A 883 9.72 9.14 14.90
CA LEU A 883 8.42 8.63 14.48
C LEU A 883 8.61 7.67 13.31
N SER A 884 7.99 6.50 13.41
CA SER A 884 7.96 5.54 12.32
C SER A 884 6.69 5.74 11.51
N VAL A 885 6.83 5.82 10.19
CA VAL A 885 5.75 6.22 9.30
C VAL A 885 5.61 5.19 8.19
N TRP A 886 4.41 4.63 8.03
CA TRP A 886 4.15 3.58 7.06
C TRP A 886 3.20 4.07 5.97
N GLY A 887 3.36 3.50 4.78
CA GLY A 887 2.47 3.86 3.69
C GLY A 887 1.04 3.41 3.91
N THR A 888 0.87 2.21 4.48
CA THR A 888 -0.48 1.71 4.74
C THR A 888 -1.21 2.61 5.72
N SER A 889 -0.49 3.21 6.66
CA SER A 889 -1.11 4.15 7.60
C SER A 889 -1.57 5.42 6.90
N ALA A 890 -0.74 5.96 6.01
CA ALA A 890 -1.15 7.14 5.25
C ALA A 890 -2.37 6.86 4.40
N MET A 891 -2.52 5.62 3.92
CA MET A 891 -3.68 5.28 3.11
C MET A 891 -4.92 5.04 3.97
N ARG A 892 -4.74 4.57 5.21
CA ARG A 892 -5.89 4.37 6.09
C ARG A 892 -6.45 5.69 6.61
N THR A 893 -5.59 6.69 6.81
CA THR A 893 -5.96 7.92 7.50
C THR A 893 -5.90 9.16 6.63
N ALA A 894 -5.42 9.06 5.40
CA ALA A 894 -5.12 10.19 4.53
C ALA A 894 -4.02 11.08 5.09
N GLY A 895 -3.17 10.54 5.97
CA GLY A 895 -1.91 11.19 6.30
C GLY A 895 -1.72 11.71 7.71
N ASP A 896 -2.27 11.02 8.71
CA ASP A 896 -2.13 11.48 10.09
C ASP A 896 -0.67 11.60 10.50
N ASP A 897 0.14 10.58 10.21
CA ASP A 897 1.56 10.62 10.56
C ASP A 897 2.25 11.82 9.96
N ILE A 898 1.99 12.08 8.68
CA ILE A 898 2.64 13.19 7.97
C ILE A 898 2.29 14.52 8.64
N ALA A 899 1.00 14.71 8.95
CA ALA A 899 0.56 15.93 9.61
C ALA A 899 1.22 16.09 10.98
N GLU A 900 1.43 14.98 11.70
CA GLU A 900 2.05 15.08 13.01
C GLU A 900 3.48 15.59 12.90
N VAL A 901 4.23 15.09 11.92
CA VAL A 901 5.59 15.59 11.69
C VAL A 901 5.56 17.09 11.41
N LEU A 902 4.70 17.51 10.49
CA LEU A 902 4.59 18.92 10.16
C LEU A 902 4.18 19.75 11.37
N ALA A 903 3.24 19.25 12.18
CA ALA A 903 2.78 19.99 13.35
C ALA A 903 3.90 20.15 14.36
N LEU A 904 4.70 19.10 14.59
CA LEU A 904 5.81 19.21 15.53
C LEU A 904 6.83 20.24 15.07
N LEU A 905 7.13 20.26 13.77
CA LEU A 905 8.04 21.24 13.22
C LEU A 905 7.46 22.65 13.22
N GLY A 906 6.14 22.78 13.30
CA GLY A 906 5.52 24.09 13.23
C GLY A 906 5.25 24.55 11.81
N VAL A 907 4.89 23.64 10.92
CA VAL A 907 4.66 23.94 9.51
C VAL A 907 3.26 23.47 9.14
N ARG A 908 2.52 24.34 8.48
CA ARG A 908 1.17 24.06 8.03
C ARG A 908 1.16 23.69 6.55
N PRO A 909 0.36 22.72 6.15
CA PRO A 909 0.19 22.45 4.71
C PRO A 909 -0.64 23.53 4.05
N VAL A 910 -0.46 23.64 2.73
CA VAL A 910 -1.22 24.57 1.90
C VAL A 910 -1.91 23.74 0.82
N TRP A 911 -3.24 23.80 0.78
CA TRP A 911 -4.04 23.01 -0.14
C TRP A 911 -4.54 23.85 -1.29
N ASP A 912 -4.65 23.21 -2.45
CA ASP A 912 -5.44 23.72 -3.57
C ASP A 912 -6.87 23.22 -3.37
N ASP A 913 -7.79 24.14 -3.08
CA ASP A 913 -9.14 23.72 -2.70
C ASP A 913 -9.89 23.01 -3.82
N ALA A 914 -9.53 23.25 -5.07
CA ALA A 914 -10.17 22.54 -6.18
C ALA A 914 -9.80 21.06 -6.17
N SER A 915 -8.52 20.74 -6.35
CA SER A 915 -8.06 19.36 -6.42
C SER A 915 -7.87 18.71 -5.06
N ARG A 916 -7.87 19.50 -3.98
CA ARG A 916 -7.58 19.07 -2.61
C ARG A 916 -6.15 18.60 -2.44
N ARG A 917 -5.28 18.87 -3.39
CA ARG A 917 -3.89 18.44 -3.31
C ARG A 917 -3.06 19.44 -2.51
N VAL A 918 -2.04 18.92 -1.84
CA VAL A 918 -1.10 19.77 -1.10
C VAL A 918 -0.12 20.38 -2.09
N ILE A 919 -0.04 21.70 -2.11
CA ILE A 919 0.75 22.41 -3.10
C ILE A 919 1.89 23.23 -2.51
N ASP A 920 1.90 23.47 -1.20
CA ASP A 920 2.95 24.28 -0.60
C ASP A 920 2.97 24.03 0.91
N LEU A 921 3.89 24.71 1.59
CA LEU A 921 4.01 24.68 3.04
C LEU A 921 4.09 26.11 3.55
N ALA A 922 3.63 26.32 4.77
CA ALA A 922 3.64 27.64 5.39
C ALA A 922 4.06 27.53 6.84
N PRO A 923 5.26 28.02 7.20
CA PRO A 923 5.69 27.94 8.59
C PRO A 923 4.85 28.83 9.49
N MET A 924 4.45 28.29 10.64
CA MET A 924 3.80 29.09 11.67
C MET A 924 4.85 29.82 12.49
N GLN A 925 4.53 31.04 12.89
CA GLN A 925 5.50 31.81 13.65
C GLN A 925 5.53 31.33 15.11
N PRO A 926 6.66 31.52 15.80
CA PRO A 926 6.77 31.06 17.19
C PRO A 926 5.67 31.57 18.11
N ALA A 927 5.22 32.81 17.91
CA ALA A 927 4.16 33.36 18.74
C ALA A 927 2.85 32.57 18.56
N GLU A 928 2.57 32.15 17.33
CA GLU A 928 1.36 31.34 17.10
C GLU A 928 1.55 29.92 17.60
N LEU A 929 2.75 29.37 17.44
CA LEU A 929 3.01 28.00 17.89
C LEU A 929 2.92 27.89 19.40
N GLY A 930 3.31 28.93 20.13
CA GLY A 930 3.25 28.90 21.59
C GLY A 930 4.22 27.96 22.24
N ARG A 931 5.16 27.40 21.49
CA ARG A 931 6.07 26.39 21.99
C ARG A 931 7.23 26.26 21.01
N PRO A 932 8.33 25.64 21.41
CA PRO A 932 9.45 25.49 20.47
C PRO A 932 9.08 24.55 19.32
N ARG A 933 9.72 24.80 18.18
CA ARG A 933 9.70 23.80 17.11
C ARG A 933 10.45 22.57 17.60
N ILE A 934 9.78 21.42 17.57
CA ILE A 934 10.35 20.17 18.05
C ILE A 934 11.02 19.47 16.88
N ASP A 935 12.25 19.01 17.09
CA ASP A 935 12.96 18.26 16.07
C ASP A 935 12.28 16.90 15.85
N VAL A 936 12.33 16.41 14.62
CA VAL A 936 11.71 15.14 14.26
C VAL A 936 12.68 14.34 13.41
N THR A 937 12.91 13.08 13.81
CA THR A 937 13.58 12.10 12.98
C THR A 937 12.54 11.10 12.52
N VAL A 938 12.47 10.86 11.21
CA VAL A 938 11.42 10.06 10.59
C VAL A 938 12.05 8.80 10.02
N ARG A 939 11.55 7.64 10.43
CA ARG A 939 11.84 6.38 9.77
C ARG A 939 10.65 6.05 8.88
N ILE A 940 10.84 6.14 7.56
CA ILE A 940 9.83 5.73 6.60
C ILE A 940 10.08 4.27 6.24
N SER A 941 9.03 3.58 5.83
CA SER A 941 9.19 2.23 5.33
C SER A 941 9.61 2.27 3.86
N GLY A 942 9.99 1.11 3.34
CA GLY A 942 10.27 1.02 1.91
C GLY A 942 9.06 1.33 1.07
N PHE A 943 7.88 0.86 1.49
CA PHE A 943 6.69 1.11 0.70
C PHE A 943 6.28 2.58 0.76
N PHE A 944 6.45 3.23 1.91
CA PHE A 944 6.17 4.67 1.99
C PHE A 944 7.02 5.43 0.98
N ARG A 945 8.31 5.09 0.90
CA ARG A 945 9.18 5.66 -0.13
C ARG A 945 8.63 5.41 -1.53
N ASP A 946 8.16 4.18 -1.79
CA ASP A 946 7.67 3.82 -3.12
C ASP A 946 6.42 4.61 -3.49
N ALA A 947 5.45 4.70 -2.58
CA ALA A 947 4.12 5.18 -2.90
C ALA A 947 3.91 6.66 -2.64
N PHE A 948 4.71 7.28 -1.78
CA PHE A 948 4.51 8.68 -1.40
C PHE A 948 5.80 9.47 -1.60
N PRO A 949 6.34 9.50 -2.81
CA PRO A 949 7.58 10.26 -3.02
C PRO A 949 7.38 11.76 -2.84
N HIS A 950 6.20 12.28 -3.20
CA HIS A 950 5.93 13.69 -2.98
C HIS A 950 5.96 14.05 -1.50
N VAL A 951 5.55 13.12 -0.63
CA VAL A 951 5.53 13.39 0.80
C VAL A 951 6.94 13.37 1.37
N VAL A 952 7.78 12.43 0.92
CA VAL A 952 9.18 12.40 1.34
C VAL A 952 9.84 13.75 1.06
N THR A 953 9.62 14.27 -0.15
CA THR A 953 10.14 15.59 -0.47
C THR A 953 9.47 16.67 0.38
N MET A 954 8.17 16.53 0.62
CA MET A 954 7.45 17.52 1.42
C MET A 954 8.01 17.60 2.84
N LEU A 955 8.24 16.45 3.47
CA LEU A 955 8.77 16.46 4.83
C LEU A 955 10.20 16.98 4.86
N ASP A 956 11.00 16.62 3.87
CA ASP A 956 12.36 17.15 3.79
C ASP A 956 12.35 18.66 3.60
N ASP A 957 11.45 19.16 2.75
CA ASP A 957 11.32 20.60 2.56
C ASP A 957 10.97 21.31 3.87
N ALA A 958 10.12 20.68 4.69
CA ALA A 958 9.69 21.32 5.93
C ALA A 958 10.83 21.42 6.93
N VAL A 959 11.63 20.36 7.05
CA VAL A 959 12.78 20.39 7.96
C VAL A 959 13.75 21.49 7.55
N ARG A 960 14.12 21.52 6.27
CA ARG A 960 15.04 22.54 5.80
C ARG A 960 14.44 23.93 5.91
N LEU A 961 13.12 24.05 5.72
CA LEU A 961 12.44 25.33 5.88
C LEU A 961 12.68 25.89 7.29
N VAL A 962 12.34 25.12 8.32
CA VAL A 962 12.45 25.62 9.69
C VAL A 962 13.88 25.63 10.20
N ALA A 963 14.76 24.78 9.66
CA ALA A 963 16.15 24.83 10.07
C ALA A 963 16.80 26.15 9.68
N ASP A 964 16.29 26.80 8.63
CA ASP A 964 16.89 28.02 8.10
C ASP A 964 16.30 29.29 8.69
N LEU A 965 15.19 29.19 9.42
CA LEU A 965 14.59 30.37 10.04
C LEU A 965 15.49 30.90 11.15
N ASP A 966 15.76 32.19 11.13
CA ASP A 966 16.63 32.81 12.14
C ASP A 966 15.82 32.92 13.44
N GLU A 967 15.90 31.88 14.26
CA GLU A 967 15.19 31.82 15.53
C GLU A 967 16.13 31.34 16.62
N ALA A 968 15.80 31.69 17.86
CA ALA A 968 16.60 31.30 19.00
C ALA A 968 16.51 29.80 19.23
N ALA A 969 17.54 29.26 19.88
CA ALA A 969 17.59 27.83 20.16
C ALA A 969 16.40 27.39 21.02
N GLU A 970 16.01 28.22 21.99
CA GLU A 970 14.88 27.88 22.84
C GLU A 970 13.56 27.86 22.07
N ASP A 971 13.52 28.44 20.87
CA ASP A 971 12.31 28.45 20.06
C ASP A 971 12.34 27.43 18.92
N ASN A 972 13.50 26.85 18.62
CA ASN A 972 13.65 26.06 17.39
C ASN A 972 14.72 25.00 17.65
N TYR A 973 14.28 23.81 18.07
CA TYR A 973 15.23 22.73 18.33
C TYR A 973 15.81 22.17 17.04
N VAL A 974 15.08 22.30 15.93
CA VAL A 974 15.58 21.84 14.63
C VAL A 974 16.83 22.62 14.25
N ARG A 975 16.73 23.95 14.25
CA ARG A 975 17.88 24.78 13.91
C ARG A 975 19.02 24.59 14.90
N ALA A 976 18.70 24.45 16.19
CA ALA A 976 19.73 24.28 17.19
C ALA A 976 20.55 23.03 16.93
N HIS A 977 19.89 21.91 16.63
CA HIS A 977 20.61 20.68 16.35
C HIS A 977 21.37 20.76 15.03
N ALA A 978 20.76 21.36 14.01
CA ALA A 978 21.43 21.50 12.72
C ALA A 978 22.67 22.36 12.83
N GLN A 979 22.61 23.45 13.61
CA GLN A 979 23.78 24.30 13.77
C GLN A 979 24.89 23.58 14.53
N ALA A 980 24.53 22.75 15.51
CA ALA A 980 25.53 21.97 16.22
C ALA A 980 26.23 20.98 15.29
N ASP A 981 25.46 20.32 14.41
CA ASP A 981 26.04 19.39 13.46
C ASP A 981 26.84 20.13 12.40
N LEU A 982 26.33 21.28 11.94
CA LEU A 982 27.08 22.09 10.97
C LEU A 982 28.43 22.52 11.53
N ALA A 983 28.49 22.81 12.82
CA ALA A 983 29.76 23.15 13.45
C ALA A 983 30.69 21.95 13.54
N HIS A 984 30.15 20.73 13.43
CA HIS A 984 30.97 19.54 13.56
C HIS A 984 31.64 19.16 12.24
N HIS A 985 30.86 19.12 11.16
CA HIS A 985 31.37 18.66 9.87
C HIS A 985 31.17 19.64 8.73
N GLY A 986 30.47 20.76 8.96
CA GLY A 986 30.38 21.79 7.95
C GLY A 986 29.52 21.47 6.74
N ASP A 987 28.80 20.34 6.75
CA ASP A 987 27.98 19.92 5.61
C ASP A 987 26.53 20.26 5.90
N GLN A 988 25.98 21.22 5.14
CA GLN A 988 24.63 21.70 5.41
C GLN A 988 23.57 20.64 5.11
N ARG A 989 23.74 19.92 4.00
CA ARG A 989 22.79 18.86 3.65
C ARG A 989 22.77 17.76 4.71
N ARG A 990 23.95 17.39 5.22
CA ARG A 990 23.98 16.39 6.30
C ARG A 990 23.32 16.94 7.56
N ALA A 991 23.52 18.22 7.85
CA ALA A 991 23.00 18.80 9.09
C ALA A 991 21.48 18.87 9.10
N THR A 992 20.82 18.84 7.95
CA THR A 992 19.37 18.88 7.88
C THR A 992 18.76 17.52 7.51
N THR A 993 19.56 16.46 7.55
CA THR A 993 19.06 15.13 7.21
C THR A 993 18.24 14.59 8.39
N ARG A 994 16.98 14.22 8.11
CA ARG A 994 16.08 13.70 9.14
C ARG A 994 15.30 12.46 8.72
N ILE A 995 15.20 12.15 7.43
CA ILE A 995 14.34 11.07 6.95
C ILE A 995 15.22 9.87 6.59
N PHE A 996 14.94 8.74 7.21
CA PHE A 996 15.68 7.51 6.96
C PHE A 996 14.71 6.40 6.58
N GLY A 997 15.20 5.42 5.83
CA GLY A 997 14.35 4.34 5.38
C GLY A 997 15.14 3.14 4.92
N SER A 998 14.42 2.17 4.36
CA SER A 998 15.04 0.96 3.83
C SER A 998 16.06 1.32 2.76
N LYS A 999 17.05 0.43 2.60
CA LYS A 999 18.02 0.59 1.52
C LYS A 999 17.29 0.68 0.18
N PRO A 1000 17.71 1.57 -0.71
CA PRO A 1000 17.07 1.66 -2.02
C PRO A 1000 17.02 0.31 -2.71
N GLY A 1001 15.88 0.03 -3.34
CA GLY A 1001 15.67 -1.24 -3.98
C GLY A 1001 15.29 -2.38 -3.06
N THR A 1002 15.12 -2.12 -1.75
CA THR A 1002 14.85 -3.15 -0.75
CA THR A 1002 14.74 -3.19 -0.85
C THR A 1002 13.75 -2.67 0.19
N TYR A 1003 13.36 -3.57 1.09
CA TYR A 1003 12.27 -3.35 2.03
C TYR A 1003 12.60 -3.98 3.37
N GLY A 1004 11.84 -3.58 4.39
CA GLY A 1004 11.91 -4.21 5.69
C GLY A 1004 12.83 -3.49 6.67
N ALA A 1005 12.77 -3.94 7.93
CA ALA A 1005 13.59 -3.39 9.00
C ALA A 1005 14.58 -4.40 9.57
N GLY A 1006 14.47 -5.68 9.19
CA GLY A 1006 15.47 -6.68 9.47
C GLY A 1006 15.35 -7.38 10.81
N LEU A 1007 14.62 -6.80 11.77
CA LEU A 1007 14.62 -7.35 13.12
C LEU A 1007 13.74 -8.58 13.27
N LEU A 1008 12.71 -8.74 12.44
CA LEU A 1008 11.97 -9.99 12.45
C LEU A 1008 12.86 -11.14 12.03
N GLN A 1009 13.66 -10.94 10.97
CA GLN A 1009 14.62 -11.97 10.55
C GLN A 1009 15.62 -12.27 11.66
N LEU A 1010 16.09 -11.22 12.35
CA LEU A 1010 17.07 -11.43 13.41
C LEU A 1010 16.47 -12.24 14.56
N ILE A 1011 15.28 -11.86 15.02
CA ILE A 1011 14.66 -12.54 16.15
C ILE A 1011 14.36 -14.00 15.79
N ASP A 1012 13.94 -14.26 14.56
CA ASP A 1012 13.66 -15.62 14.15
C ASP A 1012 14.92 -16.46 14.03
N SER A 1013 16.04 -15.84 13.62
CA SER A 1013 17.30 -16.57 13.55
C SER A 1013 17.91 -16.79 14.93
N ARG A 1014 17.56 -15.96 15.90
CA ARG A 1014 18.08 -15.98 17.27
C ARG A 1014 19.57 -15.69 17.34
N SER A 1015 20.18 -15.25 16.24
CA SER A 1015 21.63 -15.03 16.19
C SER A 1015 21.99 -13.59 16.60
N TRP A 1016 21.66 -13.27 17.85
CA TRP A 1016 21.93 -11.97 18.44
C TRP A 1016 22.05 -12.14 19.94
N ARG A 1017 22.66 -11.16 20.60
CA ARG A 1017 22.86 -11.27 22.04
CA ARG A 1017 22.92 -11.25 22.04
C ARG A 1017 22.59 -9.97 22.79
N ASP A 1018 22.94 -8.82 22.23
CA ASP A 1018 22.83 -7.58 23.00
C ASP A 1018 22.31 -6.44 22.11
N ASP A 1019 22.29 -5.25 22.70
CA ASP A 1019 21.76 -4.06 22.02
C ASP A 1019 22.58 -3.71 20.79
N ALA A 1020 23.90 -3.96 20.84
CA ALA A 1020 24.75 -3.65 19.69
C ALA A 1020 24.32 -4.46 18.47
N ASP A 1021 23.91 -5.71 18.68
CA ASP A 1021 23.45 -6.54 17.57
C ASP A 1021 22.13 -6.02 17.02
N LEU A 1022 21.18 -5.72 17.91
CA LEU A 1022 19.89 -5.16 17.48
C LEU A 1022 20.10 -3.90 16.66
N ALA A 1023 20.94 -2.99 17.16
CA ALA A 1023 21.17 -1.73 16.46
C ALA A 1023 21.88 -1.95 15.14
N GLN A 1024 22.82 -2.90 15.08
CA GLN A 1024 23.55 -3.14 13.85
C GLN A 1024 22.63 -3.63 12.74
N VAL A 1025 21.71 -4.54 13.06
CA VAL A 1025 20.76 -5.01 12.05
C VAL A 1025 19.81 -3.88 11.66
N TYR A 1026 19.23 -3.19 12.65
CA TYR A 1026 18.35 -2.06 12.36
C TYR A 1026 19.04 -1.03 11.46
N THR A 1027 20.31 -0.74 11.75
CA THR A 1027 21.04 0.26 10.97
C THR A 1027 21.43 -0.28 9.60
N ALA A 1028 21.68 -1.58 9.48
CA ALA A 1028 22.02 -2.15 8.18
C ALA A 1028 20.83 -2.12 7.23
N TRP A 1029 19.61 -2.16 7.76
CA TRP A 1029 18.42 -2.17 6.94
C TRP A 1029 17.79 -0.79 6.78
N GLY A 1030 18.07 0.15 7.68
CA GLY A 1030 17.40 1.43 7.65
C GLY A 1030 18.30 2.66 7.76
N GLY A 1031 19.61 2.46 7.65
CA GLY A 1031 20.54 3.56 7.76
C GLY A 1031 20.78 4.29 6.45
N PHE A 1032 19.70 4.71 5.81
CA PHE A 1032 19.76 5.32 4.47
C PHE A 1032 18.88 6.56 4.44
N ALA A 1033 19.42 7.66 3.93
CA ALA A 1033 18.78 8.97 4.03
C ALA A 1033 17.99 9.27 2.77
N TYR A 1034 16.80 9.85 2.95
CA TYR A 1034 15.91 10.20 1.85
C TYR A 1034 15.57 11.68 1.91
N GLY A 1035 15.31 12.24 0.74
CA GLY A 1035 15.12 13.67 0.56
C GLY A 1035 15.89 14.18 -0.63
N ARG A 1036 15.82 15.50 -0.82
CA ARG A 1036 16.48 16.12 -1.97
C ARG A 1036 18.00 15.91 -1.90
N ASP A 1037 18.57 15.41 -2.99
CA ASP A 1037 19.99 15.09 -3.10
C ASP A 1037 20.44 14.03 -2.11
N LEU A 1038 19.50 13.28 -1.54
CA LEU A 1038 19.81 12.14 -0.68
C LEU A 1038 19.49 10.82 -1.37
N ASP A 1039 18.21 10.56 -1.65
CA ASP A 1039 17.78 9.48 -2.54
C ASP A 1039 18.25 8.11 -2.08
N GLY A 1040 18.33 7.90 -0.78
CA GLY A 1040 18.65 6.59 -0.24
C GLY A 1040 20.13 6.29 -0.05
N ARG A 1041 20.99 7.29 -0.14
CA ARG A 1041 22.41 7.05 0.12
C ARG A 1041 22.61 6.62 1.56
N GLU A 1042 23.63 5.78 1.79
CA GLU A 1042 23.96 5.36 3.14
CA GLU A 1042 23.94 5.36 3.15
C GLU A 1042 24.37 6.56 3.98
N ALA A 1043 23.78 6.68 5.17
CA ALA A 1043 24.03 7.82 6.05
C ALA A 1043 24.02 7.34 7.50
N ILE A 1044 24.88 6.37 7.80
CA ILE A 1044 24.91 5.75 9.12
C ILE A 1044 25.32 6.78 10.18
N ASP A 1045 26.36 7.56 9.89
CA ASP A 1045 26.83 8.54 10.85
CA ASP A 1045 26.83 8.54 10.85
C ASP A 1045 25.77 9.60 11.11
N ASP A 1046 25.06 10.02 10.06
CA ASP A 1046 23.98 10.98 10.24
C ASP A 1046 22.82 10.37 11.03
N MET A 1047 22.51 9.10 10.76
CA MET A 1047 21.44 8.45 11.52
C MET A 1047 21.80 8.37 13.00
N ASN A 1048 23.05 8.02 13.32
CA ASN A 1048 23.45 7.90 14.72
C ASN A 1048 23.40 9.25 15.41
N ARG A 1049 23.82 10.33 14.73
CA ARG A 1049 23.77 11.65 15.34
CA ARG A 1049 23.77 11.65 15.33
C ARG A 1049 22.34 12.04 15.71
N GLN A 1050 21.39 11.78 14.81
CA GLN A 1050 20.01 12.17 15.08
C GLN A 1050 19.33 11.22 16.07
N TYR A 1051 19.60 9.92 15.98
CA TYR A 1051 18.98 8.98 16.91
C TYR A 1051 19.45 9.21 18.34
N ARG A 1052 20.70 9.65 18.52
CA ARG A 1052 21.18 9.96 19.86
C ARG A 1052 20.36 11.07 20.52
N ARG A 1053 19.71 11.92 19.72
CA ARG A 1053 18.91 13.01 20.25
C ARG A 1053 17.45 12.65 20.50
N ILE A 1054 17.00 11.48 20.04
CA ILE A 1054 15.59 11.12 20.17
C ILE A 1054 15.23 11.00 21.64
N ALA A 1055 14.27 11.83 22.07
CA ALA A 1055 13.77 11.79 23.43
C ALA A 1055 12.53 10.92 23.56
N VAL A 1056 11.71 10.85 22.53
CA VAL A 1056 10.51 10.02 22.50
C VAL A 1056 10.49 9.24 21.20
N ALA A 1057 10.42 7.92 21.29
CA ALA A 1057 10.20 7.07 20.13
C ALA A 1057 8.71 6.77 20.03
N ALA A 1058 8.08 7.22 18.94
CA ALA A 1058 6.63 7.16 18.82
C ALA A 1058 6.21 6.29 17.64
N LYS A 1059 5.09 5.61 17.83
CA LYS A 1059 4.41 4.88 16.76
C LYS A 1059 2.91 5.04 16.97
N ASN A 1060 2.17 5.23 15.89
CA ASN A 1060 0.74 5.44 15.99
C ASN A 1060 -0.02 4.17 15.61
N THR A 1061 -1.08 3.88 16.37
CA THR A 1061 -1.98 2.78 16.11
C THR A 1061 -3.27 3.37 15.57
N ASP A 1062 -3.53 3.15 14.28
CA ASP A 1062 -4.64 3.81 13.61
CA ASP A 1062 -4.62 3.81 13.58
C ASP A 1062 -5.76 2.87 13.21
N THR A 1063 -5.61 1.56 13.42
CA THR A 1063 -6.65 0.62 13.05
C THR A 1063 -6.88 -0.35 14.21
N ARG A 1064 -8.14 -0.74 14.40
CA ARG A 1064 -8.54 -1.57 15.53
C ARG A 1064 -8.58 -3.06 15.21
N GLU A 1065 -8.52 -3.42 13.91
CA GLU A 1065 -8.60 -4.82 13.53
C GLU A 1065 -7.44 -5.65 14.05
N HIS A 1066 -6.29 -5.03 14.32
CA HIS A 1066 -5.14 -5.72 14.90
C HIS A 1066 -4.50 -4.78 15.91
N ASP A 1067 -3.58 -5.32 16.71
CA ASP A 1067 -2.91 -4.54 17.74
C ASP A 1067 -1.41 -4.74 17.63
N ILE A 1068 -0.66 -4.09 18.54
CA ILE A 1068 0.79 -4.08 18.44
C ILE A 1068 1.44 -5.42 18.75
N ALA A 1069 0.68 -6.36 19.32
CA ALA A 1069 1.14 -7.72 19.51
C ALA A 1069 0.60 -8.66 18.45
N ASP A 1070 -0.08 -8.12 17.43
CA ASP A 1070 -0.65 -8.90 16.33
C ASP A 1070 0.18 -8.87 15.07
N SER A 1071 1.12 -7.93 14.95
CA SER A 1071 1.93 -7.79 13.75
CA SER A 1071 1.92 -7.78 13.75
C SER A 1071 3.38 -7.55 14.14
N ASP A 1072 4.29 -8.19 13.42
CA ASP A 1072 5.71 -8.04 13.68
C ASP A 1072 6.21 -6.62 13.40
N ASP A 1073 5.47 -5.85 12.60
CA ASP A 1073 6.01 -4.57 12.15
C ASP A 1073 6.15 -3.56 13.28
N TYR A 1074 5.30 -3.65 14.31
CA TYR A 1074 5.37 -2.68 15.39
C TYR A 1074 6.67 -2.83 16.18
N PHE A 1075 7.00 -4.05 16.62
CA PHE A 1075 8.22 -4.19 17.39
C PHE A 1075 9.45 -3.96 16.51
N GLN A 1076 9.36 -4.26 15.21
CA GLN A 1076 10.50 -4.04 14.32
C GLN A 1076 10.82 -2.56 14.22
N TYR A 1077 9.82 -1.74 13.91
CA TYR A 1077 10.05 -0.32 13.71
C TYR A 1077 10.09 0.44 15.03
N HIS A 1078 9.05 0.31 15.84
CA HIS A 1078 8.98 1.04 17.11
C HIS A 1078 9.99 0.52 18.10
N GLY A 1079 9.97 -0.78 18.38
CA GLY A 1079 10.95 -1.36 19.28
C GLY A 1079 12.36 -1.25 18.73
N GLY A 1080 12.52 -1.38 17.42
CA GLY A 1080 13.84 -1.22 16.82
C GLY A 1080 14.41 0.17 17.03
N MET A 1081 13.57 1.20 16.91
CA MET A 1081 14.03 2.56 17.19
C MET A 1081 14.45 2.70 18.65
N VAL A 1082 13.63 2.17 19.57
CA VAL A 1082 13.96 2.24 21.00
C VAL A 1082 15.31 1.58 21.25
N ALA A 1083 15.51 0.38 20.71
CA ALA A 1083 16.74 -0.36 20.98
C ALA A 1083 17.96 0.33 20.39
N THR A 1084 17.81 0.92 19.20
CA THR A 1084 18.94 1.58 18.55
C THR A 1084 19.36 2.82 19.32
N VAL A 1085 18.40 3.62 19.79
CA VAL A 1085 18.71 4.77 20.62
C VAL A 1085 19.39 4.32 21.91
N ARG A 1086 18.88 3.25 22.53
CA ARG A 1086 19.49 2.74 23.75
C ARG A 1086 20.92 2.28 23.50
N ALA A 1087 21.15 1.59 22.38
CA ALA A 1087 22.51 1.15 22.05
C ALA A 1087 23.44 2.34 21.88
N LEU A 1088 22.97 3.41 21.24
CA LEU A 1088 23.84 4.55 20.95
C LEU A 1088 24.14 5.35 22.22
N THR A 1089 23.15 5.52 23.10
CA THR A 1089 23.28 6.41 24.24
C THR A 1089 23.42 5.70 25.57
N GLY A 1090 23.09 4.42 25.65
CA GLY A 1090 23.06 3.72 26.92
C GLY A 1090 21.77 3.87 27.69
N GLN A 1091 20.85 4.70 27.23
CA GLN A 1091 19.57 4.93 27.91
C GLN A 1091 18.45 4.85 26.90
N ALA A 1092 17.42 4.08 27.22
CA ALA A 1092 16.28 4.00 26.33
C ALA A 1092 15.53 5.33 26.32
N PRO A 1093 15.03 5.76 25.17
CA PRO A 1093 14.16 6.93 25.15
C PRO A 1093 12.79 6.57 25.71
N ALA A 1094 11.98 7.59 25.94
CA ALA A 1094 10.57 7.33 26.17
C ALA A 1094 9.97 6.69 24.93
N ALA A 1095 9.01 5.79 25.13
CA ALA A 1095 8.36 5.09 24.04
C ALA A 1095 6.86 5.28 24.18
N TYR A 1096 6.27 6.03 23.24
CA TYR A 1096 4.86 6.37 23.29
C TYR A 1096 4.12 5.72 22.12
N ILE A 1097 2.84 5.42 22.37
CA ILE A 1097 1.91 4.98 21.33
C ILE A 1097 0.88 6.10 21.15
N GLY A 1098 0.77 6.61 19.92
CA GLY A 1098 -0.29 7.55 19.62
C GLY A 1098 -1.52 6.80 19.11
N ASP A 1099 -2.65 6.93 19.81
CA ASP A 1099 -3.86 6.20 19.46
C ASP A 1099 -4.73 7.11 18.59
N ASN A 1100 -4.69 6.88 17.27
CA ASN A 1100 -5.57 7.56 16.33
C ASN A 1100 -6.56 6.59 15.70
N THR A 1101 -7.01 5.59 16.45
CA THR A 1101 -8.11 4.76 16.00
C THR A 1101 -9.42 5.55 15.97
N ARG A 1102 -9.53 6.56 16.82
CA ARG A 1102 -10.69 7.45 16.87
C ARG A 1102 -10.21 8.89 16.66
N PRO A 1103 -10.35 9.44 15.45
CA PRO A 1103 -9.81 10.79 15.19
C PRO A 1103 -10.40 11.87 16.08
N ASP A 1104 -11.59 11.66 16.62
CA ASP A 1104 -12.21 12.63 17.51
C ASP A 1104 -11.91 12.36 18.98
N ALA A 1105 -11.02 11.41 19.27
CA ALA A 1105 -10.60 11.11 20.63
C ALA A 1105 -9.16 10.61 20.59
N ILE A 1106 -8.25 11.46 20.10
CA ILE A 1106 -6.85 11.06 20.00
C ILE A 1106 -6.23 11.10 21.39
N ARG A 1107 -5.53 10.01 21.74
CA ARG A 1107 -4.91 9.85 23.04
C ARG A 1107 -3.48 9.33 22.87
N THR A 1108 -2.64 9.63 23.85
CA THR A 1108 -1.26 9.15 23.88
C THR A 1108 -1.05 8.35 25.16
N ARG A 1109 -0.39 7.21 25.03
CA ARG A 1109 -0.02 6.41 26.18
C ARG A 1109 1.37 5.86 25.97
N THR A 1110 1.99 5.39 27.05
CA THR A 1110 3.31 4.80 26.94
C THR A 1110 3.21 3.42 26.30
N LEU A 1111 4.35 2.94 25.79
CA LEU A 1111 4.40 1.59 25.23
C LEU A 1111 4.09 0.54 26.29
N SER A 1112 4.56 0.76 27.52
CA SER A 1112 4.25 -0.18 28.59
C SER A 1112 2.75 -0.21 28.86
N GLU A 1113 2.10 0.96 28.86
CA GLU A 1113 0.65 1.01 29.07
C GLU A 1113 -0.10 0.30 27.94
N GLU A 1114 0.31 0.54 26.69
CA GLU A 1114 -0.36 -0.10 25.57
C GLU A 1114 -0.15 -1.61 25.58
N THR A 1115 1.04 -2.06 25.98
CA THR A 1115 1.31 -3.50 26.02
C THR A 1115 0.42 -4.19 27.04
N THR A 1116 0.33 -3.65 28.26
CA THR A 1116 -0.53 -4.26 29.27
C THR A 1116 -2.00 -4.16 28.89
N ARG A 1117 -2.40 -3.08 28.22
CA ARG A 1117 -3.77 -2.97 27.72
CA ARG A 1117 -3.77 -2.97 27.72
C ARG A 1117 -4.08 -4.07 26.72
N VAL A 1118 -3.19 -4.26 25.74
CA VAL A 1118 -3.37 -5.33 24.75
C VAL A 1118 -3.32 -6.68 25.44
N PHE A 1119 -2.43 -6.83 26.44
CA PHE A 1119 -2.29 -8.11 27.13
C PHE A 1119 -3.60 -8.51 27.81
N ARG A 1120 -4.21 -7.59 28.55
CA ARG A 1120 -5.42 -7.94 29.29
C ARG A 1120 -6.66 -7.93 28.40
N ALA A 1121 -6.77 -6.95 27.49
CA ALA A 1121 -7.98 -6.87 26.67
C ALA A 1121 -8.03 -7.92 25.58
N ARG A 1122 -6.90 -8.48 25.17
CA ARG A 1122 -6.91 -9.40 24.03
C ARG A 1122 -6.09 -10.65 24.29
N VAL A 1123 -4.82 -10.49 24.66
CA VAL A 1123 -3.87 -11.60 24.65
C VAL A 1123 -4.35 -12.74 25.54
N VAL A 1124 -4.72 -12.44 26.78
CA VAL A 1124 -5.21 -13.46 27.71
C VAL A 1124 -6.69 -13.27 28.02
N ASN A 1125 -7.40 -12.54 27.16
CA ASN A 1125 -8.85 -12.41 27.29
C ASN A 1125 -9.50 -13.74 26.92
N PRO A 1126 -10.23 -14.39 27.84
CA PRO A 1126 -10.82 -15.69 27.50
C PRO A 1126 -11.75 -15.65 26.30
N ARG A 1127 -12.38 -14.50 26.03
CA ARG A 1127 -13.23 -14.40 24.85
C ARG A 1127 -12.42 -14.50 23.56
N TRP A 1128 -11.24 -13.88 23.52
CA TRP A 1128 -10.41 -13.96 22.33
C TRP A 1128 -9.78 -15.34 22.19
N MET A 1129 -9.31 -15.93 23.29
CA MET A 1129 -8.73 -17.26 23.22
C MET A 1129 -9.76 -18.29 22.76
N ALA A 1130 -10.99 -18.19 23.27
CA ALA A 1130 -12.03 -19.11 22.84
C ALA A 1130 -12.38 -18.89 21.36
N ALA A 1131 -12.34 -17.64 20.90
CA ALA A 1131 -12.60 -17.35 19.50
C ALA A 1131 -11.55 -17.99 18.60
N MET A 1132 -10.27 -17.93 18.99
CA MET A 1132 -9.24 -18.56 18.17
C MET A 1132 -9.37 -20.08 18.19
N ARG A 1133 -9.84 -20.65 19.30
CA ARG A 1133 -10.06 -22.09 19.35
C ARG A 1133 -11.21 -22.55 18.48
N ARG A 1134 -11.98 -21.62 17.91
CA ARG A 1134 -12.97 -21.95 16.90
C ARG A 1134 -12.39 -21.98 15.50
N HIS A 1135 -11.09 -21.70 15.35
CA HIS A 1135 -10.50 -21.56 14.01
C HIS A 1135 -9.27 -22.43 13.81
N GLY A 1136 -9.15 -23.51 14.58
CA GLY A 1136 -8.21 -24.58 14.25
C GLY A 1136 -6.77 -24.10 14.09
N TYR A 1137 -6.14 -24.55 12.99
CA TYR A 1137 -4.72 -24.29 12.77
C TYR A 1137 -4.40 -22.79 12.82
N LYS A 1138 -5.20 -21.97 12.12
CA LYS A 1138 -4.90 -20.55 12.04
C LYS A 1138 -5.14 -19.85 13.37
N GLY A 1139 -6.18 -20.27 14.11
CA GLY A 1139 -6.38 -19.73 15.44
C GLY A 1139 -5.20 -20.01 16.35
N ALA A 1140 -4.67 -21.23 16.30
CA ALA A 1140 -3.46 -21.57 17.05
C ALA A 1140 -2.26 -20.78 16.56
N PHE A 1141 -2.18 -20.58 15.23
CA PHE A 1141 -1.11 -19.76 14.64
C PHE A 1141 -1.11 -18.35 15.23
N GLU A 1142 -2.28 -17.74 15.39
CA GLU A 1142 -2.35 -16.38 15.90
CA GLU A 1142 -2.32 -16.37 15.90
C GLU A 1142 -1.89 -16.30 17.35
N MET A 1143 -2.19 -17.33 18.14
CA MET A 1143 -1.68 -17.36 19.52
C MET A 1143 -0.16 -17.43 19.53
N ALA A 1144 0.42 -18.29 18.69
CA ALA A 1144 1.87 -18.42 18.66
C ALA A 1144 2.54 -17.15 18.16
N ALA A 1145 1.95 -16.49 17.16
CA ALA A 1145 2.52 -15.25 16.65
C ALA A 1145 2.52 -14.18 17.74
N THR A 1146 1.45 -14.13 18.55
CA THR A 1146 1.38 -13.17 19.64
C THR A 1146 2.55 -13.35 20.61
N VAL A 1147 2.89 -14.61 20.92
CA VAL A 1147 4.04 -14.86 21.79
C VAL A 1147 5.32 -14.32 21.15
N ASP A 1148 5.49 -14.55 19.85
CA ASP A 1148 6.70 -14.09 19.17
C ASP A 1148 6.79 -12.57 19.14
N TYR A 1149 5.65 -11.89 18.92
CA TYR A 1149 5.68 -10.44 18.78
C TYR A 1149 5.82 -9.75 20.14
N LEU A 1150 5.21 -10.32 21.19
CA LEU A 1150 5.49 -9.84 22.52
C LEU A 1150 6.97 -10.03 22.86
N PHE A 1151 7.53 -11.18 22.51
CA PHE A 1151 8.96 -11.41 22.70
C PHE A 1151 9.78 -10.37 21.94
N GLY A 1152 9.41 -10.11 20.68
CA GLY A 1152 10.14 -9.11 19.91
C GLY A 1152 10.12 -7.74 20.53
N TYR A 1153 8.96 -7.32 21.03
CA TYR A 1153 8.85 -6.04 21.71
C TYR A 1153 9.58 -6.04 23.05
N ASP A 1154 9.64 -7.21 23.72
CA ASP A 1154 10.39 -7.30 24.96
C ASP A 1154 11.90 -7.27 24.70
N ALA A 1155 12.35 -8.00 23.69
CA ALA A 1155 13.77 -8.01 23.35
C ALA A 1155 14.26 -6.61 22.98
N THR A 1156 13.42 -5.84 22.28
CA THR A 1156 13.84 -4.52 21.84
C THR A 1156 13.55 -3.42 22.87
N ALA A 1157 12.41 -3.48 23.56
CA ALA A 1157 12.00 -2.37 24.41
C ALA A 1157 11.66 -2.77 25.85
N GLY A 1158 11.70 -4.05 26.19
CA GLY A 1158 11.47 -4.46 27.58
C GLY A 1158 10.05 -4.32 28.06
N VAL A 1159 9.06 -4.54 27.19
CA VAL A 1159 7.67 -4.27 27.53
C VAL A 1159 7.05 -5.32 28.46
N MET A 1160 7.67 -6.50 28.58
CA MET A 1160 7.08 -7.58 29.36
C MET A 1160 7.56 -7.53 30.80
N ALA A 1161 6.67 -7.88 31.73
CA ALA A 1161 7.02 -8.16 33.11
C ALA A 1161 6.95 -9.67 33.34
N ASP A 1162 7.63 -10.11 34.40
CA ASP A 1162 7.67 -11.54 34.69
C ASP A 1162 6.28 -12.11 34.90
N TRP A 1163 5.40 -11.36 35.55
CA TRP A 1163 4.04 -11.86 35.78
C TRP A 1163 3.29 -12.07 34.48
N MET A 1164 3.65 -11.33 33.43
CA MET A 1164 2.99 -11.53 32.13
C MET A 1164 3.50 -12.79 31.45
N TYR A 1165 4.81 -13.06 31.55
CA TYR A 1165 5.33 -14.33 31.04
C TYR A 1165 4.70 -15.52 31.76
N GLU A 1166 4.51 -15.40 33.08
CA GLU A 1166 3.86 -16.47 33.83
C GLU A 1166 2.44 -16.73 33.31
N GLN A 1167 1.66 -15.67 33.12
CA GLN A 1167 0.29 -15.83 32.65
C GLN A 1167 0.26 -16.31 31.22
N LEU A 1168 1.16 -15.80 30.37
CA LEU A 1168 1.25 -16.27 28.99
CA LEU A 1168 1.25 -16.27 28.99
C LEU A 1168 1.55 -17.76 28.94
N THR A 1169 2.53 -18.21 29.75
CA THR A 1169 2.90 -19.62 29.75
C THR A 1169 1.74 -20.49 30.20
N GLN A 1170 1.06 -20.10 31.28
CA GLN A 1170 -0.01 -20.92 31.83
C GLN A 1170 -1.22 -20.96 30.89
N ARG A 1171 -1.63 -19.80 30.38
CA ARG A 1171 -2.86 -19.74 29.58
C ARG A 1171 -2.67 -20.40 28.22
N TYR A 1172 -1.52 -20.19 27.58
CA TYR A 1172 -1.32 -20.63 26.21
C TYR A 1172 -0.81 -22.05 26.10
N VAL A 1173 0.12 -22.44 26.98
CA VAL A 1173 0.92 -23.64 26.79
C VAL A 1173 0.55 -24.73 27.79
N LEU A 1174 0.45 -24.38 29.08
CA LEU A 1174 0.26 -25.39 30.11
C LEU A 1174 -1.22 -25.68 30.38
N ASP A 1175 -2.11 -24.74 30.11
CA ASP A 1175 -3.53 -24.96 30.29
C ASP A 1175 -3.99 -26.18 29.49
N ALA A 1176 -4.71 -27.09 30.16
CA ALA A 1176 -5.08 -28.35 29.52
C ALA A 1176 -5.93 -28.13 28.28
N GLN A 1177 -6.92 -27.23 28.36
CA GLN A 1177 -7.82 -27.02 27.23
C GLN A 1177 -7.07 -26.43 26.04
N ASN A 1178 -6.23 -25.42 26.28
CA ASN A 1178 -5.53 -24.80 25.17
C ASN A 1178 -4.42 -25.71 24.62
N ARG A 1179 -3.74 -26.45 25.51
CA ARG A 1179 -2.71 -27.38 25.06
C ARG A 1179 -3.31 -28.46 24.16
N THR A 1180 -4.46 -29.01 24.54
CA THR A 1180 -5.13 -30.00 23.71
C THR A 1180 -5.48 -29.43 22.34
N PHE A 1181 -6.00 -28.20 22.32
CA PHE A 1181 -6.31 -27.55 21.06
C PHE A 1181 -5.06 -27.33 20.21
N MET A 1182 -3.99 -26.82 20.83
CA MET A 1182 -2.74 -26.61 20.11
C MET A 1182 -2.19 -27.92 19.55
N THR A 1183 -2.23 -28.98 20.35
CA THR A 1183 -1.66 -30.26 19.92
C THR A 1183 -2.42 -30.83 18.72
N GLU A 1184 -3.74 -30.70 18.71
CA GLU A 1184 -4.51 -31.27 17.62
CA GLU A 1184 -4.54 -31.26 17.62
C GLU A 1184 -4.41 -30.44 16.35
N SER A 1185 -4.52 -29.11 16.47
CA SER A 1185 -4.59 -28.25 15.29
C SER A 1185 -3.24 -27.74 14.80
N ASN A 1186 -2.28 -27.49 15.69
CA ASN A 1186 -1.04 -26.89 15.24
C ASN A 1186 0.10 -27.21 16.21
N PRO A 1187 0.55 -28.46 16.27
CA PRO A 1187 1.64 -28.80 17.21
C PRO A 1187 2.93 -28.06 16.90
N TRP A 1188 3.17 -27.69 15.65
CA TRP A 1188 4.36 -26.91 15.31
C TRP A 1188 4.35 -25.57 16.04
N ALA A 1189 3.19 -24.93 16.11
CA ALA A 1189 3.10 -23.65 16.80
C ALA A 1189 3.25 -23.82 18.31
N LEU A 1190 2.71 -24.91 18.86
CA LEU A 1190 2.90 -25.20 20.28
C LEU A 1190 4.38 -25.37 20.60
N HIS A 1191 5.11 -26.09 19.74
CA HIS A 1191 6.55 -26.24 19.93
C HIS A 1191 7.25 -24.89 19.88
N GLY A 1192 6.88 -24.04 18.93
CA GLY A 1192 7.51 -22.73 18.82
C GLY A 1192 7.23 -21.83 20.01
N MET A 1193 6.03 -21.92 20.57
CA MET A 1193 5.68 -21.13 21.75
C MET A 1193 6.52 -21.54 22.95
N ALA A 1194 6.59 -22.84 23.22
CA ALA A 1194 7.41 -23.32 24.34
C ALA A 1194 8.87 -22.96 24.14
N GLU A 1195 9.36 -23.10 22.91
CA GLU A 1195 10.75 -22.73 22.62
C GLU A 1195 10.99 -21.25 22.85
N ARG A 1196 10.05 -20.39 22.41
CA ARG A 1196 10.26 -18.96 22.55
C ARG A 1196 10.21 -18.52 24.01
N LEU A 1197 9.31 -19.11 24.80
CA LEU A 1197 9.24 -18.76 26.22
C LEU A 1197 10.49 -19.23 26.96
N LEU A 1198 11.01 -20.41 26.60
CA LEU A 1198 12.28 -20.84 27.15
C LEU A 1198 13.43 -19.94 26.69
N GLU A 1199 13.34 -19.39 25.47
CA GLU A 1199 14.37 -18.44 25.04
C GLU A 1199 14.30 -17.15 25.86
N ALA A 1200 13.10 -16.68 26.18
CA ALA A 1200 12.98 -15.48 27.01
C ALA A 1200 13.60 -15.71 28.39
N ALA A 1201 13.42 -16.91 28.94
CA ALA A 1201 14.08 -17.23 30.21
C ALA A 1201 15.59 -17.34 30.03
N GLY A 1202 16.04 -17.96 28.93
CA GLY A 1202 17.47 -18.09 28.70
C GLY A 1202 18.17 -16.75 28.56
N ARG A 1203 17.52 -15.79 27.90
CA ARG A 1203 18.10 -14.47 27.72
C ARG A 1203 17.92 -13.56 28.94
N GLY A 1204 17.14 -13.98 29.93
CA GLY A 1204 16.87 -13.12 31.06
C GLY A 1204 15.80 -12.07 30.83
N LEU A 1205 15.17 -12.06 29.64
CA LEU A 1205 14.01 -11.19 29.43
C LEU A 1205 12.88 -11.58 30.37
N TRP A 1206 12.71 -12.88 30.60
CA TRP A 1206 11.93 -13.43 31.69
C TRP A 1206 12.91 -13.68 32.83
N ALA A 1207 12.90 -12.79 33.83
CA ALA A 1207 14.03 -12.69 34.75
C ALA A 1207 14.07 -13.83 35.76
N GLN A 1208 12.93 -14.14 36.37
CA GLN A 1208 12.86 -15.09 37.49
C GLN A 1208 11.74 -16.09 37.27
N PRO A 1209 11.86 -16.97 36.28
CA PRO A 1209 10.86 -18.02 36.09
C PRO A 1209 10.96 -19.08 37.17
N ALA A 1210 9.82 -19.64 37.54
CA ALA A 1210 9.81 -20.74 38.49
C ALA A 1210 10.43 -21.97 37.84
N PRO A 1211 11.31 -22.68 38.56
CA PRO A 1211 11.90 -23.92 37.98
C PRO A 1211 10.86 -24.92 37.53
N GLU A 1212 9.79 -25.11 38.29
CA GLU A 1212 8.74 -26.05 37.89
C GLU A 1212 8.10 -25.64 36.57
N THR A 1213 7.95 -24.32 36.36
CA THR A 1213 7.35 -23.83 35.12
C THR A 1213 8.26 -24.10 33.92
N LEU A 1214 9.56 -23.87 34.07
CA LEU A 1214 10.48 -24.18 32.98
C LEU A 1214 10.49 -25.68 32.68
N ASP A 1215 10.42 -26.51 33.72
CA ASP A 1215 10.34 -27.96 33.50
C ASP A 1215 9.09 -28.33 32.71
N GLY A 1216 7.97 -27.68 33.02
CA GLY A 1216 6.76 -27.92 32.24
C GLY A 1216 6.93 -27.52 30.78
N LEU A 1217 7.60 -26.40 30.53
CA LEU A 1217 7.85 -25.97 29.15
C LEU A 1217 8.74 -26.96 28.42
N ARG A 1218 9.79 -27.44 29.07
CA ARG A 1218 10.67 -28.42 28.44
C ARG A 1218 9.94 -29.72 28.16
N GLN A 1219 9.02 -30.12 29.06
CA GLN A 1219 8.22 -31.32 28.82
C GLN A 1219 7.33 -31.15 27.60
N VAL A 1220 6.73 -29.97 27.44
CA VAL A 1220 5.90 -29.70 26.25
C VAL A 1220 6.74 -29.83 24.99
N LEU A 1221 7.95 -29.29 24.99
CA LEU A 1221 8.87 -29.47 23.87
C LEU A 1221 9.06 -30.93 23.55
N LEU A 1222 9.28 -31.76 24.58
CA LEU A 1222 9.59 -33.17 24.36
C LEU A 1222 8.39 -33.94 23.83
N GLU A 1223 7.20 -33.71 24.42
CA GLU A 1223 6.01 -34.42 23.96
C GLU A 1223 5.59 -33.98 22.56
N THR A 1224 5.81 -32.70 22.22
CA THR A 1224 5.41 -32.22 20.91
C THR A 1224 6.33 -32.75 19.81
N GLU A 1225 7.63 -32.86 20.10
CA GLU A 1225 8.52 -33.56 19.18
C GLU A 1225 8.11 -35.03 19.07
N GLY A 1226 7.65 -35.63 20.17
CA GLY A 1226 7.26 -37.02 20.15
C GLY A 1226 5.92 -37.25 19.48
N ASP A 1227 4.98 -36.33 19.69
CA ASP A 1227 3.70 -36.41 18.99
C ASP A 1227 3.89 -36.25 17.49
#